data_1VRS
#
_entry.id   1VRS
#
_cell.length_a   188.46
_cell.length_b   52.60
_cell.length_c   107.92
_cell.angle_alpha   90.00
_cell.angle_beta   100.39
_cell.angle_gamma   90.00
#
_symmetry.space_group_name_H-M   'C 1 2 1'
#
loop_
_entity.id
_entity.type
_entity.pdbx_description
1 polymer 'Thiol:disulfide interchange protein dsbD'
2 polymer 'Thiol:disulfide interchange protein dsbD'
3 water water
#
loop_
_entity_poly.entity_id
_entity_poly.type
_entity_poly.pdbx_seq_one_letter_code
_entity_poly.pdbx_strand_id
1 'polypeptide(L)'
;GLFDAPGRSQFVPADQAFAFDFQQNQHDLNLTWQIKDGYYLYRKQIRITPEHAKIADVQLPQGVWHEDEFYGKSEIYRDR
LTLPVTINQASAGATLTVTYQGSADAGFCYPPETKTVPLSEVVANNAAPQPVSVPQQEQPTAQ
;
A,B,C
2 'polypeptide(L)'
;ATHTAQTQTHLNFTQIKTVDELNQALVEAKGKPVMLDLYADWCVASKEFEKYTFSDPQVQKALADTVLLQANVTANDAQD
VALLKHLNVLGLPTILFFDGQGQEHPQARVTGFMDAETFSAHLRDRQPHHHHHH
;
D,E,F
#
# COMPACT_ATOMS: atom_id res chain seq x y z
N GLY A 1 5.61 -12.00 -15.78
CA GLY A 1 7.02 -12.12 -16.27
C GLY A 1 7.29 -11.14 -17.41
N LEU A 2 6.27 -10.88 -18.20
CA LEU A 2 6.37 -9.94 -19.30
C LEU A 2 6.26 -8.54 -18.73
N PHE A 3 7.23 -7.69 -19.03
CA PHE A 3 7.21 -6.32 -18.53
C PHE A 3 6.12 -5.50 -19.24
N ASP A 4 5.68 -5.96 -20.40
CA ASP A 4 4.65 -5.25 -21.17
C ASP A 4 3.28 -5.95 -21.18
N ALA A 5 2.59 -5.89 -20.04
CA ALA A 5 1.27 -6.49 -19.88
C ALA A 5 0.53 -5.89 -18.68
N GLN A 10 -6.98 -1.48 -16.17
CA GLN A 10 -7.98 -1.78 -15.16
C GLN A 10 -8.96 -0.63 -14.93
N PHE A 11 -8.47 0.60 -14.75
CA PHE A 11 -9.37 1.75 -14.53
C PHE A 11 -9.92 2.32 -15.84
N VAL A 12 -11.22 2.55 -15.85
CA VAL A 12 -11.88 3.08 -17.04
C VAL A 12 -11.76 4.58 -17.15
N PRO A 13 -12.07 5.13 -18.35
CA PRO A 13 -11.99 6.57 -18.55
C PRO A 13 -12.98 7.28 -17.62
N ALA A 14 -12.64 8.50 -17.23
CA ALA A 14 -13.48 9.28 -16.32
C ALA A 14 -14.97 9.38 -16.73
N ASP A 15 -15.25 9.61 -18.02
CA ASP A 15 -16.65 9.72 -18.46
C ASP A 15 -17.37 8.37 -18.47
N GLN A 16 -16.62 7.30 -18.24
CA GLN A 16 -17.22 5.97 -18.18
C GLN A 16 -17.39 5.61 -16.71
N ALA A 17 -16.63 6.27 -15.85
CA ALA A 17 -16.69 6.02 -14.42
C ALA A 17 -17.82 6.83 -13.82
N PHE A 18 -17.97 8.04 -14.32
CA PHE A 18 -18.98 8.96 -13.87
C PHE A 18 -19.68 9.48 -15.12
N ALA A 19 -20.76 8.81 -15.49
CA ALA A 19 -21.55 9.18 -16.67
C ALA A 19 -22.43 10.37 -16.36
N PHE A 20 -22.05 11.52 -16.89
CA PHE A 20 -22.82 12.73 -16.64
C PHE A 20 -23.94 12.97 -17.63
N ASP A 21 -24.96 13.68 -17.16
CA ASP A 21 -26.11 13.97 -17.99
C ASP A 21 -27.00 14.98 -17.27
N PHE A 22 -27.87 15.62 -18.03
CA PHE A 22 -28.75 16.61 -17.44
C PHE A 22 -30.07 16.64 -18.23
N GLN A 23 -31.10 17.22 -17.63
CA GLN A 23 -32.36 17.35 -18.31
C GLN A 23 -33.05 18.57 -17.74
N GLN A 24 -33.58 19.39 -18.63
CA GLN A 24 -34.25 20.60 -18.21
C GLN A 24 -35.69 20.62 -18.68
N ASN A 25 -36.51 21.30 -17.89
CA ASN A 25 -37.90 21.49 -18.20
C ASN A 25 -38.27 22.79 -17.52
N GLN A 26 -38.18 23.88 -18.28
CA GLN A 26 -38.47 25.19 -17.73
C GLN A 26 -37.51 25.46 -16.57
N HIS A 27 -38.06 25.88 -15.44
CA HIS A 27 -37.26 26.18 -14.26
C HIS A 27 -36.68 24.96 -13.58
N ASP A 28 -36.98 23.79 -14.12
CA ASP A 28 -36.48 22.56 -13.50
C ASP A 28 -35.37 21.84 -14.24
N LEU A 29 -34.21 21.80 -13.60
CA LEU A 29 -33.06 21.13 -14.17
C LEU A 29 -32.62 19.99 -13.27
N ASN A 30 -32.28 18.88 -13.89
CA ASN A 30 -31.83 17.72 -13.16
C ASN A 30 -30.44 17.29 -13.58
N LEU A 31 -29.48 17.45 -12.67
CA LEU A 31 -28.11 17.05 -12.95
C LEU A 31 -27.91 15.60 -12.51
N THR A 32 -27.32 14.78 -13.36
CA THR A 32 -27.17 13.40 -12.97
C THR A 32 -25.86 12.68 -13.36
N TRP A 33 -25.36 11.87 -12.43
CA TRP A 33 -24.13 11.10 -12.63
C TRP A 33 -24.35 9.63 -12.38
N GLN A 34 -24.04 8.80 -13.37
CA GLN A 34 -24.17 7.36 -13.23
C GLN A 34 -22.76 7.00 -12.75
N ILE A 35 -22.65 6.53 -11.51
CA ILE A 35 -21.37 6.22 -10.91
C ILE A 35 -21.04 4.75 -10.90
N LYS A 36 -20.05 4.38 -11.72
CA LYS A 36 -19.63 3.00 -11.85
C LYS A 36 -19.28 2.35 -10.52
N ASP A 37 -19.73 1.11 -10.34
CA ASP A 37 -19.47 0.38 -9.12
C ASP A 37 -17.98 0.30 -8.88
N GLY A 38 -17.55 0.70 -7.68
CA GLY A 38 -16.14 0.67 -7.36
C GLY A 38 -15.54 2.05 -7.43
N TYR A 39 -16.35 3.02 -7.84
CA TYR A 39 -15.92 4.40 -7.92
C TYR A 39 -16.86 5.29 -7.09
N TYR A 40 -16.43 6.51 -6.81
CA TYR A 40 -17.24 7.43 -6.02
C TYR A 40 -16.85 8.88 -6.27
N LEU A 41 -17.79 9.79 -6.03
CA LEU A 41 -17.52 11.22 -6.21
C LEU A 41 -17.36 11.89 -4.86
N TYR A 42 -16.48 12.89 -4.80
CA TYR A 42 -16.24 13.65 -3.56
C TYR A 42 -17.28 14.75 -3.45
N ARG A 43 -18.12 14.69 -2.42
CA ARG A 43 -19.13 15.73 -2.24
C ARG A 43 -18.52 17.14 -2.20
N LYS A 44 -17.44 17.28 -1.46
CA LYS A 44 -16.80 18.58 -1.30
C LYS A 44 -16.19 19.15 -2.57
N GLN A 45 -16.14 18.38 -3.65
CA GLN A 45 -15.56 18.87 -4.90
C GLN A 45 -16.54 19.33 -5.97
N ILE A 46 -17.83 19.16 -5.71
CA ILE A 46 -18.82 19.59 -6.68
C ILE A 46 -19.02 21.10 -6.65
N ARG A 47 -19.16 21.68 -7.83
CA ARG A 47 -19.35 23.12 -7.96
C ARG A 47 -20.29 23.45 -9.13
N ILE A 48 -21.37 24.15 -8.83
CA ILE A 48 -22.33 24.52 -9.86
C ILE A 48 -22.34 26.03 -10.00
N THR A 49 -21.95 26.50 -11.17
CA THR A 49 -21.88 27.93 -11.41
C THR A 49 -22.71 28.38 -12.62
N PRO A 50 -23.64 29.33 -12.42
CA PRO A 50 -24.46 29.79 -13.55
C PRO A 50 -23.80 30.92 -14.35
N GLU A 51 -24.09 30.93 -15.64
CA GLU A 51 -23.56 31.94 -16.55
C GLU A 51 -24.76 32.47 -17.32
N HIS A 52 -25.19 33.69 -16.99
CA HIS A 52 -26.34 34.35 -17.63
C HIS A 52 -27.63 33.68 -17.23
N ALA A 53 -27.65 33.19 -16.00
CA ALA A 53 -28.81 32.53 -15.43
C ALA A 53 -28.83 32.79 -13.94
N LYS A 54 -30.01 32.66 -13.35
CA LYS A 54 -30.15 32.87 -11.91
C LYS A 54 -30.71 31.55 -11.36
N ILE A 55 -29.91 30.94 -10.49
CA ILE A 55 -30.20 29.65 -9.90
C ILE A 55 -30.50 29.72 -8.41
N ALA A 56 -31.44 28.90 -7.95
CA ALA A 56 -31.78 28.85 -6.53
C ALA A 56 -30.65 28.12 -5.85
N ASP A 57 -30.34 28.44 -4.60
CA ASP A 57 -29.25 27.75 -3.91
C ASP A 57 -29.41 26.23 -3.98
N VAL A 58 -28.35 25.54 -4.38
CA VAL A 58 -28.38 24.09 -4.51
C VAL A 58 -27.96 23.35 -3.26
N GLN A 59 -28.80 22.43 -2.83
CA GLN A 59 -28.54 21.63 -1.64
C GLN A 59 -28.01 20.25 -2.04
N LEU A 60 -26.79 19.93 -1.61
CA LEU A 60 -26.20 18.64 -1.91
C LEU A 60 -26.75 17.58 -0.97
N PRO A 61 -27.22 16.45 -1.51
CA PRO A 61 -27.79 15.33 -0.76
C PRO A 61 -26.80 14.67 0.19
N GLN A 62 -27.34 13.91 1.14
CA GLN A 62 -26.52 13.20 2.12
C GLN A 62 -25.94 11.92 1.54
N GLY A 63 -24.61 11.84 1.49
CA GLY A 63 -23.97 10.65 0.96
C GLY A 63 -23.38 9.79 2.06
N VAL A 64 -22.47 8.90 1.68
CA VAL A 64 -21.84 8.02 2.66
C VAL A 64 -20.47 8.57 3.04
N TRP A 65 -19.87 8.00 4.09
CA TRP A 65 -18.58 8.46 4.54
C TRP A 65 -17.47 7.52 4.13
N HIS A 66 -16.40 8.09 3.60
CA HIS A 66 -15.24 7.31 3.20
C HIS A 66 -14.12 7.71 4.13
N GLU A 67 -13.25 6.76 4.47
CA GLU A 67 -12.12 7.09 5.32
C GLU A 67 -10.79 6.60 4.82
N ASP A 68 -9.74 7.30 5.22
CA ASP A 68 -8.39 6.95 4.85
C ASP A 68 -7.50 7.59 5.90
N GLU A 69 -6.34 6.99 6.11
CA GLU A 69 -5.40 7.44 7.11
C GLU A 69 -4.89 8.87 6.94
N PHE A 70 -5.20 9.53 5.83
CA PHE A 70 -4.68 10.89 5.64
C PHE A 70 -5.64 12.02 5.97
N TYR A 71 -6.81 12.01 5.33
CA TYR A 71 -7.78 13.07 5.54
C TYR A 71 -8.89 12.63 6.47
N GLY A 72 -8.75 11.43 7.02
CA GLY A 72 -9.76 10.91 7.92
C GLY A 72 -11.03 10.55 7.19
N LYS A 73 -12.03 11.41 7.32
CA LYS A 73 -13.32 11.17 6.68
C LYS A 73 -13.70 12.18 5.59
N SER A 74 -14.51 11.70 4.65
CA SER A 74 -14.97 12.51 3.55
C SER A 74 -16.31 11.98 3.11
N GLU A 75 -17.22 12.90 2.79
CA GLU A 75 -18.54 12.51 2.33
C GLU A 75 -18.41 12.18 0.85
N ILE A 76 -18.95 11.04 0.44
CA ILE A 76 -18.86 10.63 -0.96
C ILE A 76 -20.16 10.11 -1.50
N TYR A 77 -20.23 9.95 -2.81
CA TYR A 77 -21.43 9.46 -3.47
C TYR A 77 -21.14 8.21 -4.28
N ARG A 78 -22.03 7.22 -4.20
CA ARG A 78 -21.84 5.98 -4.96
C ARG A 78 -23.07 5.65 -5.77
N ASP A 79 -22.91 4.74 -6.73
CA ASP A 79 -24.00 4.29 -7.60
C ASP A 79 -24.54 5.39 -8.49
N ARG A 80 -25.23 6.37 -7.90
CA ARG A 80 -25.77 7.47 -8.67
C ARG A 80 -25.89 8.75 -7.86
N LEU A 81 -25.88 9.87 -8.57
CA LEU A 81 -26.02 11.17 -7.93
C LEU A 81 -27.04 11.95 -8.73
N THR A 82 -28.09 12.41 -8.05
CA THR A 82 -29.12 13.19 -8.71
C THR A 82 -29.16 14.53 -8.00
N LEU A 83 -29.00 15.59 -8.78
CA LEU A 83 -28.95 16.93 -8.25
C LEU A 83 -29.98 17.85 -8.88
N PRO A 84 -31.06 18.16 -8.15
CA PRO A 84 -32.09 19.04 -8.73
C PRO A 84 -31.70 20.50 -8.65
N VAL A 85 -31.85 21.20 -9.77
CA VAL A 85 -31.49 22.62 -9.82
C VAL A 85 -32.70 23.43 -10.27
N THR A 86 -32.92 24.55 -9.60
CA THR A 86 -34.02 25.41 -9.92
C THR A 86 -33.51 26.62 -10.68
N ILE A 87 -34.00 26.77 -11.91
CA ILE A 87 -33.61 27.88 -12.78
C ILE A 87 -34.66 28.98 -12.71
N ASN A 88 -34.36 30.04 -11.98
CA ASN A 88 -35.29 31.15 -11.86
C ASN A 88 -35.29 31.93 -13.17
N GLN A 89 -34.10 32.26 -13.67
CA GLN A 89 -33.98 32.98 -14.93
C GLN A 89 -32.77 32.51 -15.73
N ALA A 90 -32.90 32.56 -17.06
CA ALA A 90 -31.85 32.15 -17.97
C ALA A 90 -31.99 32.82 -19.33
N SER A 91 -30.97 33.58 -19.71
CA SER A 91 -30.98 34.25 -21.00
C SER A 91 -30.69 33.27 -22.11
N ALA A 92 -30.87 33.71 -23.34
CA ALA A 92 -30.59 32.83 -24.45
C ALA A 92 -29.07 32.58 -24.47
N GLY A 93 -28.67 31.32 -24.42
CA GLY A 93 -27.27 31.01 -24.43
C GLY A 93 -26.71 30.90 -23.03
N ALA A 94 -27.58 30.94 -22.03
CA ALA A 94 -27.14 30.80 -20.64
C ALA A 94 -26.58 29.38 -20.45
N THR A 95 -25.59 29.25 -19.58
CA THR A 95 -24.98 27.95 -19.34
C THR A 95 -24.75 27.65 -17.88
N LEU A 96 -24.59 26.38 -17.58
CA LEU A 96 -24.33 25.98 -16.20
C LEU A 96 -22.99 25.25 -16.22
N THR A 97 -22.05 25.77 -15.44
CA THR A 97 -20.73 25.18 -15.36
C THR A 97 -20.69 24.20 -14.18
N VAL A 98 -20.58 22.92 -14.50
CA VAL A 98 -20.55 21.87 -13.48
C VAL A 98 -19.19 21.19 -13.29
N THR A 99 -18.63 21.33 -12.10
CA THR A 99 -17.33 20.72 -11.81
C THR A 99 -17.43 19.68 -10.68
N TYR A 100 -16.74 18.56 -10.86
CA TYR A 100 -16.75 17.48 -9.90
C TYR A 100 -15.49 16.65 -9.99
N GLN A 101 -15.26 15.81 -8.99
CA GLN A 101 -14.08 14.97 -9.00
C GLN A 101 -14.32 13.66 -8.25
N GLY A 102 -13.76 12.58 -8.79
CA GLY A 102 -13.95 11.28 -8.17
C GLY A 102 -12.70 10.40 -8.15
N SER A 103 -12.81 9.25 -7.50
CA SER A 103 -11.72 8.31 -7.37
C SER A 103 -12.26 6.90 -7.41
N ALA A 104 -11.34 5.95 -7.46
CA ALA A 104 -11.69 4.53 -7.48
C ALA A 104 -11.17 3.85 -6.23
N ASP A 105 -11.97 2.92 -5.70
CA ASP A 105 -11.62 2.18 -4.49
C ASP A 105 -10.24 1.52 -4.55
N ALA A 106 -9.89 0.97 -5.71
CA ALA A 106 -8.61 0.30 -5.88
C ALA A 106 -7.43 1.25 -5.77
N GLY A 107 -7.70 2.53 -5.52
CA GLY A 107 -6.63 3.50 -5.36
C GLY A 107 -6.24 4.27 -6.61
N PHE A 108 -7.18 5.03 -7.15
CA PHE A 108 -6.92 5.79 -8.36
C PHE A 108 -7.70 7.09 -8.27
N CYS A 109 -7.01 8.21 -8.46
CA CYS A 109 -7.69 9.49 -8.37
C CYS A 109 -7.84 10.17 -9.71
N TYR A 110 -9.07 10.50 -10.08
CA TYR A 110 -9.25 11.20 -11.33
C TYR A 110 -9.16 12.69 -11.01
N PRO A 111 -8.67 13.49 -11.98
CA PRO A 111 -8.56 14.92 -11.73
C PRO A 111 -9.96 15.52 -11.88
N PRO A 112 -10.13 16.81 -11.56
CA PRO A 112 -11.42 17.48 -11.66
C PRO A 112 -11.94 17.52 -13.08
N GLU A 113 -13.26 17.49 -13.21
CA GLU A 113 -13.89 17.55 -14.51
C GLU A 113 -14.87 18.71 -14.49
N THR A 114 -15.02 19.35 -15.65
CA THR A 114 -15.97 20.44 -15.78
C THR A 114 -16.83 20.26 -17.01
N LYS A 115 -18.14 20.18 -16.82
CA LYS A 115 -19.04 20.06 -17.95
C LYS A 115 -19.83 21.37 -18.07
N THR A 116 -20.11 21.77 -19.30
CA THR A 116 -20.88 22.98 -19.53
C THR A 116 -22.27 22.56 -19.97
N VAL A 117 -23.27 22.89 -19.17
CA VAL A 117 -24.62 22.54 -19.55
C VAL A 117 -25.34 23.71 -20.20
N PRO A 118 -25.83 23.49 -21.42
CA PRO A 118 -26.55 24.50 -22.20
C PRO A 118 -27.91 24.63 -21.59
N LEU A 119 -28.24 25.78 -21.02
CA LEU A 119 -29.56 25.97 -20.43
C LEU A 119 -30.51 26.55 -21.45
N SER A 120 -31.77 26.14 -21.39
CA SER A 120 -32.79 26.68 -22.28
C SER A 120 -33.30 28.01 -21.71
N GLU A 121 -33.61 28.96 -22.56
CA GLU A 121 -34.08 30.25 -22.09
C GLU A 121 -35.25 30.11 -21.13
N VAL A 122 -35.24 30.95 -20.10
CA VAL A 122 -36.29 30.94 -19.09
C VAL A 122 -36.51 32.36 -18.58
N VAL A 123 -37.69 32.91 -18.84
CA VAL A 123 -38.00 34.28 -18.41
C VAL A 123 -38.38 34.40 -16.95
N ALA A 124 -38.20 35.62 -16.45
CA ALA A 124 -38.49 36.02 -15.07
C ALA A 124 -39.45 35.12 -14.31
N ASN A 125 -40.71 35.08 -14.72
CA ASN A 125 -41.69 34.24 -14.05
C ASN A 125 -42.39 33.31 -15.06
N HIS B 10 14.22 7.27 0.96
CA HIS B 10 13.60 8.31 0.13
C HIS B 10 14.23 8.39 -1.25
N LEU B 11 13.57 7.77 -2.24
CA LEU B 11 14.10 7.81 -3.61
C LEU B 11 14.33 9.28 -3.94
N ASN B 12 15.38 9.58 -4.71
CA ASN B 12 15.60 10.98 -5.04
C ASN B 12 15.21 11.28 -6.48
N PHE B 13 13.98 11.75 -6.63
CA PHE B 13 13.45 12.09 -7.94
C PHE B 13 13.98 13.42 -8.35
N THR B 14 13.93 13.68 -9.65
CA THR B 14 14.36 14.94 -10.19
C THR B 14 13.11 15.52 -10.84
N GLN B 15 12.49 16.47 -10.13
CA GLN B 15 11.27 17.11 -10.58
C GLN B 15 11.28 17.67 -11.99
N ILE B 16 10.15 17.50 -12.68
CA ILE B 16 9.95 18.02 -14.02
C ILE B 16 8.54 18.60 -14.00
N LYS B 17 8.30 19.62 -14.82
CA LYS B 17 7.00 20.26 -14.83
C LYS B 17 6.34 20.31 -16.20
N THR B 18 7.14 20.39 -17.25
CA THR B 18 6.60 20.50 -18.60
C THR B 18 6.94 19.32 -19.50
N VAL B 19 6.35 19.30 -20.69
CA VAL B 19 6.61 18.24 -21.64
C VAL B 19 8.04 18.34 -22.14
N ASP B 20 8.55 19.57 -22.24
CA ASP B 20 9.93 19.77 -22.68
C ASP B 20 10.89 19.26 -21.61
N GLU B 21 10.70 19.75 -20.38
CA GLU B 21 11.55 19.31 -19.28
C GLU B 21 11.65 17.78 -19.29
N LEU B 22 10.56 17.09 -19.66
CA LEU B 22 10.59 15.64 -19.72
C LEU B 22 11.54 15.17 -20.81
N ASN B 23 11.33 15.61 -22.04
CA ASN B 23 12.20 15.19 -23.12
C ASN B 23 13.66 15.56 -22.85
N GLN B 24 13.87 16.72 -22.23
CA GLN B 24 15.20 17.16 -21.87
C GLN B 24 15.83 16.08 -20.98
N ALA B 25 15.17 15.82 -19.85
CA ALA B 25 15.65 14.81 -18.91
C ALA B 25 15.83 13.45 -19.60
N LEU B 26 15.00 13.21 -20.62
CA LEU B 26 15.07 11.95 -21.37
C LEU B 26 16.38 11.84 -22.14
N VAL B 27 16.76 12.90 -22.83
CA VAL B 27 18.00 12.86 -23.60
C VAL B 27 19.18 12.72 -22.64
N GLU B 28 19.13 13.45 -21.52
CA GLU B 28 20.20 13.37 -20.53
C GLU B 28 20.43 11.92 -20.10
N ALA B 29 19.35 11.23 -19.79
CA ALA B 29 19.41 9.84 -19.34
C ALA B 29 19.58 8.82 -20.48
N LYS B 30 20.27 9.25 -21.53
CA LYS B 30 20.52 8.35 -22.66
C LYS B 30 21.33 7.13 -22.23
N GLY B 31 20.72 5.96 -22.28
CA GLY B 31 21.44 4.76 -21.91
C GLY B 31 20.97 4.11 -20.64
N LYS B 32 20.39 4.90 -19.75
CA LYS B 32 19.89 4.39 -18.49
C LYS B 32 18.38 4.21 -18.60
N PRO B 33 17.78 3.29 -17.82
CA PRO B 33 16.34 3.14 -17.92
C PRO B 33 15.69 4.28 -17.11
N VAL B 34 14.56 4.81 -17.56
CA VAL B 34 13.95 5.90 -16.81
C VAL B 34 12.52 5.61 -16.35
N MET B 35 12.20 6.12 -15.17
CA MET B 35 10.87 5.97 -14.59
C MET B 35 10.28 7.32 -14.27
N LEU B 36 9.04 7.52 -14.69
CA LEU B 36 8.35 8.77 -14.43
C LEU B 36 7.19 8.50 -13.51
N ASP B 37 7.18 9.20 -12.39
CA ASP B 37 6.12 9.06 -11.41
C ASP B 37 5.25 10.32 -11.36
N LEU B 38 3.98 10.16 -11.73
CA LEU B 38 3.03 11.28 -11.69
C LEU B 38 2.34 11.23 -10.34
N TYR B 39 2.47 12.34 -9.60
CA TYR B 39 1.98 12.47 -8.24
C TYR B 39 1.10 13.70 -8.00
N ALA B 40 0.26 13.63 -6.96
CA ALA B 40 -0.60 14.75 -6.58
C ALA B 40 -0.91 14.67 -5.08
N ASP B 41 -0.78 15.79 -4.36
CA ASP B 41 -1.04 15.81 -2.91
C ASP B 41 -2.45 15.36 -2.52
N TRP B 42 -3.46 15.81 -3.26
CA TRP B 42 -4.82 15.44 -2.93
C TRP B 42 -5.11 13.98 -3.15
N CYS B 43 -4.31 13.31 -3.97
CA CYS B 43 -4.51 11.90 -4.24
C CYS B 43 -3.98 10.96 -3.15
N VAL B 44 -4.88 10.31 -2.42
CA VAL B 44 -4.50 9.41 -1.35
C VAL B 44 -3.63 8.25 -1.84
N ALA B 45 -4.04 7.66 -2.95
CA ALA B 45 -3.31 6.55 -3.53
C ALA B 45 -1.88 6.98 -3.87
N SER B 46 -1.75 8.24 -4.30
CA SER B 46 -0.46 8.78 -4.66
C SER B 46 0.38 8.89 -3.38
N LYS B 47 -0.28 9.20 -2.26
CA LYS B 47 0.40 9.31 -0.97
C LYS B 47 0.78 7.92 -0.49
N GLU B 48 -0.11 6.96 -0.67
CA GLU B 48 0.16 5.60 -0.24
C GLU B 48 1.34 5.02 -1.02
N PHE B 49 1.51 5.46 -2.26
CA PHE B 49 2.60 4.97 -3.09
C PHE B 49 3.91 5.44 -2.52
N GLU B 50 3.97 6.71 -2.15
CA GLU B 50 5.19 7.27 -1.58
C GLU B 50 5.50 6.66 -0.23
N LYS B 51 4.49 6.55 0.63
CA LYS B 51 4.65 6.02 1.97
C LYS B 51 4.94 4.53 2.09
N TYR B 52 4.30 3.72 1.27
CA TYR B 52 4.48 2.27 1.38
C TYR B 52 5.26 1.57 0.30
N THR B 53 5.50 2.21 -0.84
CA THR B 53 6.20 1.52 -1.91
C THR B 53 7.54 2.13 -2.28
N PHE B 54 7.59 3.40 -2.66
CA PHE B 54 8.87 3.99 -3.03
C PHE B 54 9.80 4.03 -1.82
N SER B 55 9.25 3.68 -0.67
CA SER B 55 9.99 3.69 0.59
C SER B 55 10.59 2.33 0.88
N ASP B 56 10.04 1.30 0.26
CA ASP B 56 10.53 -0.05 0.49
C ASP B 56 11.97 -0.25 0.03
N PRO B 57 12.79 -0.92 0.85
CA PRO B 57 14.21 -1.20 0.59
C PRO B 57 14.43 -1.81 -0.80
N GLN B 58 13.78 -2.95 -1.01
CA GLN B 58 13.84 -3.70 -2.25
C GLN B 58 13.56 -2.79 -3.45
N VAL B 59 12.37 -2.21 -3.46
CA VAL B 59 11.94 -1.32 -4.53
C VAL B 59 13.01 -0.29 -4.85
N GLN B 60 13.64 0.25 -3.81
CA GLN B 60 14.69 1.25 -3.99
C GLN B 60 15.93 0.61 -4.61
N LYS B 61 16.16 -0.65 -4.27
CA LYS B 61 17.29 -1.39 -4.81
C LYS B 61 17.09 -1.62 -6.29
N ALA B 62 15.89 -2.06 -6.65
CA ALA B 62 15.57 -2.33 -8.04
C ALA B 62 15.68 -1.09 -8.92
N LEU B 63 15.45 0.07 -8.32
CA LEU B 63 15.51 1.33 -9.05
C LEU B 63 16.88 1.98 -8.99
N ALA B 64 17.82 1.30 -8.34
CA ALA B 64 19.18 1.80 -8.18
C ALA B 64 19.85 2.30 -9.48
N ASP B 65 19.59 1.62 -10.59
CA ASP B 65 20.18 2.02 -11.86
C ASP B 65 19.19 2.66 -12.80
N THR B 66 18.11 3.17 -12.23
CA THR B 66 17.07 3.80 -13.02
C THR B 66 17.06 5.31 -12.77
N VAL B 67 16.87 6.09 -13.83
CA VAL B 67 16.81 7.53 -13.72
C VAL B 67 15.42 7.83 -13.16
N LEU B 68 15.35 8.56 -12.06
CA LEU B 68 14.08 8.86 -11.42
C LEU B 68 13.49 10.25 -11.71
N LEU B 69 12.43 10.29 -12.51
CA LEU B 69 11.77 11.55 -12.84
C LEU B 69 10.44 11.60 -12.10
N GLN B 70 10.00 12.81 -11.74
CA GLN B 70 8.75 12.96 -11.01
C GLN B 70 8.04 14.29 -11.26
N ALA B 71 6.81 14.22 -11.75
CA ALA B 71 6.03 15.42 -12.03
C ALA B 71 4.95 15.55 -10.97
N ASN B 72 4.96 16.67 -10.24
CA ASN B 72 3.96 16.91 -9.21
C ASN B 72 2.87 17.75 -9.83
N VAL B 73 1.75 17.13 -10.15
CA VAL B 73 0.63 17.80 -10.79
C VAL B 73 -0.47 18.25 -9.85
N THR B 74 -0.12 18.46 -8.59
CA THR B 74 -1.09 18.87 -7.58
C THR B 74 -1.89 20.10 -7.95
N ALA B 75 -1.22 21.10 -8.53
CA ALA B 75 -1.91 22.33 -8.91
C ALA B 75 -2.87 22.15 -10.08
N ASN B 76 -2.67 21.09 -10.85
CA ASN B 76 -3.50 20.81 -12.00
C ASN B 76 -3.64 22.05 -12.87
N ASP B 77 -2.52 22.73 -13.09
CA ASP B 77 -2.52 23.93 -13.93
C ASP B 77 -2.41 23.58 -15.41
N ALA B 78 -2.24 24.59 -16.25
CA ALA B 78 -2.13 24.41 -17.69
C ALA B 78 -1.01 23.44 -18.04
N GLN B 79 0.19 23.76 -17.55
CA GLN B 79 1.37 22.93 -17.77
C GLN B 79 1.05 21.49 -17.37
N ASP B 80 0.51 21.35 -16.16
CA ASP B 80 0.11 20.05 -15.63
C ASP B 80 -0.78 19.32 -16.63
N VAL B 81 -1.97 19.88 -16.87
CA VAL B 81 -2.92 19.27 -17.81
C VAL B 81 -2.26 18.92 -19.13
N ALA B 82 -1.36 19.80 -19.59
CA ALA B 82 -0.65 19.59 -20.85
C ALA B 82 0.15 18.30 -20.79
N LEU B 83 1.01 18.21 -19.79
CA LEU B 83 1.86 17.05 -19.61
C LEU B 83 1.03 15.76 -19.53
N LEU B 84 0.00 15.77 -18.68
CA LEU B 84 -0.86 14.60 -18.55
C LEU B 84 -1.48 14.21 -19.90
N LYS B 85 -1.96 15.20 -20.63
CA LYS B 85 -2.59 14.98 -21.94
C LYS B 85 -1.59 14.40 -22.93
N HIS B 86 -0.38 14.92 -22.90
CA HIS B 86 0.68 14.46 -23.78
C HIS B 86 1.03 12.98 -23.49
N LEU B 87 1.07 12.61 -22.22
CA LEU B 87 1.42 11.25 -21.85
C LEU B 87 0.20 10.32 -21.81
N ASN B 88 -0.96 10.88 -22.14
CA ASN B 88 -2.23 10.15 -22.11
C ASN B 88 -2.42 9.49 -20.74
N VAL B 89 -2.29 10.30 -19.69
CA VAL B 89 -2.47 9.84 -18.32
C VAL B 89 -3.91 10.12 -17.91
N LEU B 90 -4.59 9.10 -17.42
CA LEU B 90 -5.98 9.22 -17.01
C LEU B 90 -6.19 9.68 -15.57
N GLY B 91 -5.26 9.35 -14.68
CA GLY B 91 -5.41 9.71 -13.30
C GLY B 91 -4.16 9.32 -12.53
N LEU B 92 -4.19 9.49 -11.21
CA LEU B 92 -3.03 9.17 -10.39
C LEU B 92 -3.41 8.19 -9.30
N PRO B 93 -2.43 7.40 -8.81
CA PRO B 93 -1.05 7.43 -9.30
C PRO B 93 -0.85 6.68 -10.61
N THR B 94 0.05 7.21 -11.43
CA THR B 94 0.38 6.58 -12.70
C THR B 94 1.88 6.64 -12.84
N ILE B 95 2.48 5.50 -13.16
CA ILE B 95 3.92 5.45 -13.33
C ILE B 95 4.33 4.89 -14.70
N LEU B 96 5.16 5.65 -15.42
CA LEU B 96 5.64 5.26 -16.74
C LEU B 96 7.07 4.76 -16.71
N PHE B 97 7.42 3.99 -17.76
CA PHE B 97 8.76 3.43 -17.91
C PHE B 97 9.27 3.58 -19.32
N PHE B 98 10.48 4.11 -19.47
CA PHE B 98 11.10 4.22 -20.79
C PHE B 98 12.36 3.36 -20.77
N ASP B 99 12.60 2.55 -21.81
CA ASP B 99 13.82 1.74 -21.79
C ASP B 99 15.04 2.63 -21.99
N GLY B 100 16.21 2.14 -21.60
CA GLY B 100 17.44 2.92 -21.72
C GLY B 100 17.69 3.52 -23.09
N GLN B 101 16.75 3.32 -24.00
CA GLN B 101 16.85 3.85 -25.36
C GLN B 101 15.68 4.82 -25.55
N GLY B 102 15.31 5.47 -24.44
CA GLY B 102 14.22 6.45 -24.45
C GLY B 102 12.83 6.00 -24.88
N GLN B 103 12.63 4.72 -25.20
CA GLN B 103 11.34 4.23 -25.63
C GLN B 103 10.43 3.91 -24.45
N GLU B 104 9.23 4.49 -24.44
CA GLU B 104 8.31 4.25 -23.34
C GLU B 104 7.62 2.91 -23.56
N HIS B 105 7.39 2.17 -22.49
CA HIS B 105 6.70 0.87 -22.60
C HIS B 105 5.35 1.06 -21.95
N PRO B 106 4.37 1.53 -22.73
CA PRO B 106 2.98 1.80 -22.33
C PRO B 106 2.31 0.62 -21.65
N GLN B 107 2.56 -0.57 -22.17
CA GLN B 107 1.93 -1.75 -21.59
C GLN B 107 2.54 -2.08 -20.24
N ALA B 108 3.56 -1.33 -19.86
CA ALA B 108 4.24 -1.59 -18.61
C ALA B 108 3.94 -0.58 -17.51
N ARG B 109 3.24 0.49 -17.84
CA ARG B 109 2.95 1.48 -16.82
C ARG B 109 2.07 0.96 -15.70
N VAL B 110 2.21 1.58 -14.54
CA VAL B 110 1.44 1.20 -13.38
C VAL B 110 0.39 2.27 -13.08
N THR B 111 -0.86 1.84 -13.01
CA THR B 111 -1.94 2.76 -12.73
C THR B 111 -2.63 2.37 -11.44
N GLY B 112 -2.65 3.31 -10.50
CA GLY B 112 -3.28 3.04 -9.22
C GLY B 112 -2.23 2.58 -8.24
N PHE B 113 -2.60 2.43 -6.97
CA PHE B 113 -1.64 2.00 -5.98
C PHE B 113 -1.23 0.55 -6.20
N MET B 114 0.03 0.27 -5.87
CA MET B 114 0.58 -1.07 -6.01
C MET B 114 1.53 -1.24 -4.83
N ASP B 115 1.45 -2.40 -4.17
CA ASP B 115 2.33 -2.65 -3.02
C ASP B 115 3.76 -2.88 -3.46
N ALA B 116 4.69 -2.74 -2.53
CA ALA B 116 6.11 -2.92 -2.83
C ALA B 116 6.42 -4.30 -3.44
N GLU B 117 5.95 -5.37 -2.83
CA GLU B 117 6.23 -6.70 -3.37
C GLU B 117 5.92 -6.79 -4.86
N THR B 118 4.71 -6.39 -5.22
CA THR B 118 4.28 -6.43 -6.62
C THR B 118 5.07 -5.46 -7.49
N PHE B 119 5.30 -4.25 -6.98
CA PHE B 119 6.04 -3.26 -7.74
C PHE B 119 7.44 -3.75 -8.05
N SER B 120 8.17 -4.15 -7.01
CA SER B 120 9.53 -4.64 -7.15
C SER B 120 9.59 -5.75 -8.20
N ALA B 121 8.64 -6.67 -8.13
CA ALA B 121 8.59 -7.74 -9.10
C ALA B 121 8.56 -7.09 -10.50
N HIS B 122 7.45 -6.44 -10.80
CA HIS B 122 7.24 -5.75 -12.07
C HIS B 122 8.48 -4.97 -12.48
N LEU B 123 9.18 -4.38 -11.52
CA LEU B 123 10.38 -3.63 -11.84
C LEU B 123 11.47 -4.52 -12.39
N ARG B 124 11.62 -5.69 -11.78
CA ARG B 124 12.66 -6.60 -12.19
C ARG B 124 12.26 -7.54 -13.33
N ASP B 125 11.42 -7.04 -14.23
CA ASP B 125 11.00 -7.84 -15.38
C ASP B 125 11.60 -7.19 -16.60
N ARG B 126 12.50 -6.26 -16.37
CA ARG B 126 13.17 -5.56 -17.44
C ARG B 126 14.51 -6.23 -17.71
N GLN B 127 14.68 -7.43 -17.17
CA GLN B 127 15.91 -8.19 -17.34
C GLN B 127 15.89 -9.07 -18.59
N GLY C 1 2.02 -56.50 -3.89
CA GLY C 1 2.11 -55.02 -4.09
C GLY C 1 2.52 -54.66 -5.51
N LEU C 2 1.69 -55.00 -6.48
CA LEU C 2 1.98 -54.70 -7.87
C LEU C 2 2.24 -53.20 -8.05
N PHE C 3 1.93 -52.42 -7.02
CA PHE C 3 2.13 -50.97 -7.07
C PHE C 3 3.45 -50.56 -6.41
N ASP C 4 4.18 -51.55 -5.91
CA ASP C 4 5.46 -51.29 -5.27
C ASP C 4 6.55 -51.23 -6.32
N ALA C 5 6.44 -50.31 -7.26
CA ALA C 5 7.45 -50.20 -8.32
C ALA C 5 7.40 -48.88 -9.06
N PRO C 6 8.55 -48.43 -9.59
CA PRO C 6 8.61 -47.17 -10.33
C PRO C 6 8.06 -47.38 -11.73
N GLY C 7 7.68 -46.31 -12.42
CA GLY C 7 7.13 -46.46 -13.75
C GLY C 7 5.69 -46.93 -13.71
N ARG C 8 5.20 -47.21 -12.51
CA ARG C 8 3.82 -47.64 -12.37
C ARG C 8 3.09 -46.61 -11.55
N SER C 9 1.86 -46.30 -11.93
CA SER C 9 1.09 -45.32 -11.19
C SER C 9 -0.19 -45.97 -10.73
N GLN C 10 -0.54 -45.70 -9.48
CA GLN C 10 -1.75 -46.25 -8.89
C GLN C 10 -2.91 -45.28 -9.02
N PHE C 11 -2.58 -44.02 -9.30
CA PHE C 11 -3.60 -42.97 -9.38
C PHE C 11 -4.05 -42.53 -10.75
N VAL C 12 -5.32 -42.16 -10.85
CA VAL C 12 -5.90 -41.72 -12.10
C VAL C 12 -5.83 -40.21 -12.27
N PRO C 13 -6.09 -39.72 -13.49
CA PRO C 13 -6.05 -38.27 -13.71
C PRO C 13 -7.05 -37.55 -12.80
N ALA C 14 -6.72 -36.32 -12.41
CA ALA C 14 -7.57 -35.52 -11.53
C ALA C 14 -9.07 -35.46 -11.92
N ASP C 15 -9.35 -35.24 -13.19
CA ASP C 15 -10.75 -35.17 -13.60
C ASP C 15 -11.41 -36.53 -13.64
N GLN C 16 -10.64 -37.57 -13.34
CA GLN C 16 -11.22 -38.90 -13.31
C GLN C 16 -11.44 -39.27 -11.86
N ALA C 17 -10.67 -38.64 -10.98
CA ALA C 17 -10.77 -38.90 -9.56
C ALA C 17 -11.90 -38.06 -8.96
N PHE C 18 -12.03 -36.85 -9.49
CA PHE C 18 -13.04 -35.90 -9.05
C PHE C 18 -13.77 -35.42 -10.30
N ALA C 19 -14.82 -36.14 -10.69
CA ALA C 19 -15.61 -35.81 -11.86
C ALA C 19 -16.56 -34.65 -11.57
N PHE C 20 -16.21 -33.49 -12.09
CA PHE C 20 -16.97 -32.28 -11.88
C PHE C 20 -18.10 -32.03 -12.85
N ASP C 21 -19.11 -31.33 -12.36
CA ASP C 21 -20.27 -31.03 -13.17
C ASP C 21 -21.18 -30.05 -12.47
N PHE C 22 -22.06 -29.44 -13.25
CA PHE C 22 -22.98 -28.46 -12.71
C PHE C 22 -24.28 -28.49 -13.49
N GLN C 23 -25.33 -27.92 -12.91
CA GLN C 23 -26.63 -27.84 -13.55
C GLN C 23 -27.29 -26.60 -13.03
N GLN C 24 -27.84 -25.80 -13.94
CA GLN C 24 -28.51 -24.58 -13.51
C GLN C 24 -29.96 -24.57 -13.94
N ASN C 25 -30.77 -23.88 -13.16
CA ASN C 25 -32.18 -23.73 -13.45
C ASN C 25 -32.57 -22.42 -12.80
N GLN C 26 -32.45 -21.32 -13.56
CA GLN C 26 -32.76 -20.00 -13.04
C GLN C 26 -31.82 -19.73 -11.88
N HIS C 27 -32.37 -19.32 -10.74
CA HIS C 27 -31.58 -18.99 -9.56
C HIS C 27 -30.98 -20.22 -8.87
N ASP C 28 -31.31 -21.40 -9.39
CA ASP C 28 -30.81 -22.63 -8.78
C ASP C 28 -29.65 -23.32 -9.48
N LEU C 29 -28.51 -23.34 -8.82
CA LEU C 29 -27.32 -23.96 -9.36
C LEU C 29 -26.88 -25.12 -8.49
N ASN C 30 -26.52 -26.21 -9.13
CA ASN C 30 -26.10 -27.41 -8.45
C ASN C 30 -24.67 -27.81 -8.84
N LEU C 31 -23.71 -27.66 -7.93
CA LEU C 31 -22.34 -28.05 -8.22
C LEU C 31 -22.15 -29.50 -7.76
N THR C 32 -21.54 -30.32 -8.60
CA THR C 32 -21.35 -31.72 -8.25
C THR C 32 -20.00 -32.33 -8.60
N TRP C 33 -19.49 -33.14 -7.68
CA TRP C 33 -18.22 -33.84 -7.85
C TRP C 33 -18.43 -35.32 -7.59
N GLN C 34 -18.10 -36.15 -8.58
CA GLN C 34 -18.17 -37.60 -8.41
C GLN C 34 -16.77 -37.97 -7.94
N ILE C 35 -16.67 -38.37 -6.68
CA ILE C 35 -15.39 -38.69 -6.08
C ILE C 35 -15.07 -40.16 -6.09
N LYS C 36 -14.10 -40.53 -6.91
CA LYS C 36 -13.69 -41.92 -7.02
C LYS C 36 -13.31 -42.56 -5.68
N ASP C 37 -13.72 -43.80 -5.51
CA ASP C 37 -13.44 -44.58 -4.32
C ASP C 37 -11.94 -44.60 -4.04
N GLY C 38 -11.54 -44.20 -2.83
CA GLY C 38 -10.13 -44.17 -2.49
C GLY C 38 -9.56 -42.77 -2.57
N TYR C 39 -10.38 -41.83 -3.02
CA TYR C 39 -9.94 -40.45 -3.10
C TYR C 39 -10.88 -39.56 -2.27
N TYR C 40 -10.48 -38.31 -2.03
CA TYR C 40 -11.33 -37.43 -1.25
C TYR C 40 -10.98 -35.97 -1.46
N LEU C 41 -11.94 -35.09 -1.21
CA LEU C 41 -11.69 -33.66 -1.37
C LEU C 41 -11.54 -33.01 -0.01
N TYR C 42 -10.70 -31.98 0.04
CA TYR C 42 -10.49 -31.24 1.28
C TYR C 42 -11.54 -30.14 1.36
N ARG C 43 -12.40 -30.21 2.36
CA ARG C 43 -13.42 -29.20 2.52
C ARG C 43 -12.86 -27.77 2.62
N LYS C 44 -11.76 -27.60 3.36
CA LYS C 44 -11.20 -26.27 3.50
C LYS C 44 -10.50 -25.74 2.27
N GLN C 45 -10.52 -26.51 1.19
CA GLN C 45 -9.87 -26.09 -0.04
C GLN C 45 -10.86 -25.61 -1.11
N ILE C 46 -12.15 -25.77 -0.83
CA ILE C 46 -13.17 -25.35 -1.78
C ILE C 46 -13.37 -23.83 -1.78
N ARG C 47 -13.51 -23.26 -2.97
CA ARG C 47 -13.71 -21.83 -3.12
C ARG C 47 -14.63 -21.51 -4.30
N ILE C 48 -15.74 -20.83 -4.00
CA ILE C 48 -16.72 -20.47 -5.03
C ILE C 48 -16.74 -18.96 -5.18
N THR C 49 -16.35 -18.46 -6.34
CA THR C 49 -16.30 -17.03 -6.57
C THR C 49 -17.12 -16.61 -7.80
N PRO C 50 -18.08 -15.69 -7.62
CA PRO C 50 -18.90 -15.25 -8.75
C PRO C 50 -18.24 -14.13 -9.55
N GLU C 51 -18.50 -14.10 -10.84
CA GLU C 51 -17.96 -13.09 -11.74
C GLU C 51 -19.16 -12.53 -12.51
N HIS C 52 -19.57 -11.32 -12.14
CA HIS C 52 -20.71 -10.63 -12.74
C HIS C 52 -22.01 -11.35 -12.42
N ALA C 53 -22.08 -11.78 -11.17
CA ALA C 53 -23.21 -12.49 -10.63
C ALA C 53 -23.22 -12.25 -9.14
N LYS C 54 -24.39 -12.38 -8.53
CA LYS C 54 -24.51 -12.23 -7.08
C LYS C 54 -25.10 -13.53 -6.55
N ILE C 55 -24.35 -14.22 -5.70
CA ILE C 55 -24.82 -15.47 -5.13
C ILE C 55 -25.01 -15.38 -3.63
N ALA C 56 -25.95 -16.18 -3.12
CA ALA C 56 -26.22 -16.22 -1.69
C ALA C 56 -25.08 -16.99 -1.05
N ASP C 57 -24.74 -16.66 0.20
CA ASP C 57 -23.66 -17.34 0.87
C ASP C 57 -23.80 -18.86 0.78
N VAL C 58 -22.71 -19.54 0.43
CA VAL C 58 -22.73 -20.98 0.29
C VAL C 58 -22.30 -21.71 1.54
N GLN C 59 -23.14 -22.64 2.00
CA GLN C 59 -22.85 -23.44 3.18
C GLN C 59 -22.31 -24.79 2.75
N LEU C 60 -21.12 -25.14 3.24
CA LEU C 60 -20.53 -26.41 2.89
C LEU C 60 -21.05 -27.48 3.83
N PRO C 61 -21.52 -28.60 3.27
CA PRO C 61 -22.06 -29.72 4.03
C PRO C 61 -21.07 -30.40 4.99
N GLN C 62 -21.59 -31.17 5.93
CA GLN C 62 -20.79 -31.88 6.93
C GLN C 62 -20.15 -33.13 6.32
N GLY C 63 -18.83 -33.17 6.27
CA GLY C 63 -18.14 -34.34 5.73
C GLY C 63 -17.55 -35.17 6.85
N VAL C 64 -16.63 -36.09 6.54
CA VAL C 64 -16.01 -36.89 7.59
C VAL C 64 -14.61 -36.36 7.92
N TRP C 65 -14.05 -36.79 9.04
CA TRP C 65 -12.73 -36.29 9.40
C TRP C 65 -11.60 -37.28 9.12
N HIS C 66 -10.54 -36.74 8.53
CA HIS C 66 -9.38 -37.51 8.16
C HIS C 66 -8.27 -37.08 9.10
N GLU C 67 -7.38 -38.01 9.42
CA GLU C 67 -6.28 -37.72 10.30
C GLU C 67 -4.98 -38.16 9.63
N ASP C 68 -3.95 -37.33 9.76
CA ASP C 68 -2.67 -37.66 9.17
C ASP C 68 -1.57 -37.40 10.19
N GLU C 69 -0.68 -38.37 10.32
CA GLU C 69 0.44 -38.27 11.24
C GLU C 69 0.86 -36.82 11.51
N PHE C 70 1.43 -36.16 10.50
CA PHE C 70 1.89 -34.78 10.62
C PHE C 70 0.80 -33.77 10.99
N TYR C 71 0.17 -33.20 9.96
CA TYR C 71 -0.90 -32.21 10.08
C TYR C 71 -1.90 -32.44 11.22
N GLY C 72 -2.73 -33.47 11.08
CA GLY C 72 -3.70 -33.77 12.10
C GLY C 72 -5.06 -34.14 11.55
N LYS C 73 -6.07 -33.36 11.91
CA LYS C 73 -7.42 -33.62 11.44
C LYS C 73 -7.84 -32.65 10.33
N SER C 74 -8.64 -33.14 9.40
CA SER C 74 -9.15 -32.33 8.31
C SER C 74 -10.50 -32.87 7.89
N GLU C 75 -11.43 -31.98 7.57
CA GLU C 75 -12.75 -32.42 7.14
C GLU C 75 -12.67 -32.74 5.65
N ILE C 76 -13.11 -33.92 5.27
CA ILE C 76 -13.05 -34.31 3.86
C ILE C 76 -14.35 -34.88 3.34
N TYR C 77 -14.43 -34.99 2.01
CA TYR C 77 -15.62 -35.54 1.36
C TYR C 77 -15.27 -36.77 0.56
N ARG C 78 -16.15 -37.78 0.61
CA ARG C 78 -15.96 -39.02 -0.13
C ARG C 78 -17.17 -39.36 -0.96
N ASP C 79 -16.98 -40.25 -1.93
CA ASP C 79 -18.05 -40.70 -2.82
C ASP C 79 -18.61 -39.60 -3.70
N ARG C 80 -19.33 -38.66 -3.09
CA ARG C 80 -19.89 -37.56 -3.84
C ARG C 80 -20.04 -36.29 -3.03
N LEU C 81 -20.03 -35.15 -3.72
CA LEU C 81 -20.20 -33.85 -3.10
C LEU C 81 -21.23 -33.08 -3.91
N THR C 82 -22.33 -32.72 -3.25
CA THR C 82 -23.41 -31.96 -3.89
C THR C 82 -23.42 -30.60 -3.24
N LEU C 83 -23.29 -29.56 -4.04
CA LEU C 83 -23.24 -28.22 -3.52
C LEU C 83 -24.25 -27.29 -4.15
N PRO C 84 -25.35 -27.01 -3.46
CA PRO C 84 -26.35 -26.12 -4.03
C PRO C 84 -25.99 -24.65 -3.89
N VAL C 85 -26.10 -23.91 -5.00
CA VAL C 85 -25.79 -22.49 -5.01
C VAL C 85 -26.99 -21.70 -5.49
N THR C 86 -27.27 -20.59 -4.82
CA THR C 86 -28.39 -19.75 -5.20
C THR C 86 -27.86 -18.54 -5.97
N ILE C 87 -28.35 -18.38 -7.20
CA ILE C 87 -27.94 -17.25 -8.01
C ILE C 87 -29.03 -16.22 -7.94
N ASN C 88 -28.75 -15.12 -7.25
CA ASN C 88 -29.70 -14.03 -7.11
C ASN C 88 -29.75 -13.23 -8.41
N GLN C 89 -28.56 -12.86 -8.90
CA GLN C 89 -28.41 -12.09 -10.14
C GLN C 89 -27.20 -12.58 -10.93
N ALA C 90 -27.31 -12.52 -12.26
CA ALA C 90 -26.23 -12.95 -13.14
C ALA C 90 -26.37 -12.32 -14.53
N SER C 91 -25.35 -11.56 -14.91
CA SER C 91 -25.29 -10.88 -16.20
C SER C 91 -25.06 -11.88 -17.30
N ALA C 92 -25.22 -11.42 -18.53
CA ALA C 92 -24.98 -12.26 -19.67
C ALA C 92 -23.47 -12.48 -19.68
N GLY C 93 -23.06 -13.75 -19.62
CA GLY C 93 -21.65 -14.05 -19.62
C GLY C 93 -21.09 -14.13 -18.21
N ALA C 94 -21.97 -14.14 -17.23
CA ALA C 94 -21.50 -14.24 -15.86
C ALA C 94 -20.93 -15.65 -15.67
N THR C 95 -19.95 -15.76 -14.78
CA THR C 95 -19.32 -17.05 -14.53
C THR C 95 -19.08 -17.35 -13.06
N LEU C 96 -18.98 -18.63 -12.74
CA LEU C 96 -18.71 -19.04 -11.39
C LEU C 96 -17.34 -19.71 -11.42
N THR C 97 -16.42 -19.21 -10.60
CA THR C 97 -15.08 -19.75 -10.50
C THR C 97 -15.02 -20.74 -9.35
N VAL C 98 -14.91 -22.02 -9.66
CA VAL C 98 -14.88 -23.05 -8.64
C VAL C 98 -13.52 -23.73 -8.45
N THR C 99 -12.93 -23.58 -7.28
CA THR C 99 -11.64 -24.19 -6.99
C THR C 99 -11.73 -25.23 -5.88
N TYR C 100 -11.03 -26.34 -6.04
CA TYR C 100 -11.04 -27.40 -5.05
C TYR C 100 -9.75 -28.18 -5.10
N GLN C 101 -9.52 -29.03 -4.12
CA GLN C 101 -8.31 -29.84 -4.10
C GLN C 101 -8.55 -31.16 -3.36
N GLY C 102 -7.98 -32.23 -3.89
CA GLY C 102 -8.15 -33.53 -3.29
C GLY C 102 -6.88 -34.36 -3.27
N SER C 103 -6.99 -35.53 -2.67
CA SER C 103 -5.89 -36.46 -2.53
C SER C 103 -6.37 -37.90 -2.60
N ALA C 104 -5.40 -38.83 -2.63
CA ALA C 104 -5.70 -40.24 -2.67
C ALA C 104 -5.22 -40.91 -1.39
N ASP C 105 -6.02 -41.85 -0.90
CA ASP C 105 -5.70 -42.60 0.32
C ASP C 105 -4.33 -43.25 0.30
N ALA C 106 -3.92 -43.77 -0.85
CA ALA C 106 -2.62 -44.44 -1.00
C ALA C 106 -1.44 -43.48 -0.94
N GLY C 107 -1.70 -42.21 -0.72
CA GLY C 107 -0.62 -41.25 -0.61
C GLY C 107 -0.25 -40.44 -1.83
N PHE C 108 -1.22 -39.72 -2.39
CA PHE C 108 -0.97 -38.87 -3.55
C PHE C 108 -1.78 -37.60 -3.42
N CYS C 109 -1.12 -36.46 -3.59
CA CYS C 109 -1.83 -35.19 -3.47
C CYS C 109 -1.99 -34.50 -4.81
N TYR C 110 -3.22 -34.24 -5.20
CA TYR C 110 -3.42 -33.53 -6.44
C TYR C 110 -3.31 -32.05 -6.14
N PRO C 111 -2.90 -31.26 -7.13
CA PRO C 111 -2.79 -29.82 -6.93
C PRO C 111 -4.19 -29.23 -7.02
N PRO C 112 -4.35 -27.94 -6.72
CA PRO C 112 -5.65 -27.29 -6.78
C PRO C 112 -6.18 -27.29 -8.19
N GLU C 113 -7.50 -27.32 -8.32
CA GLU C 113 -8.15 -27.29 -9.61
C GLU C 113 -9.15 -26.14 -9.64
N THR C 114 -9.29 -25.50 -10.79
CA THR C 114 -10.25 -24.42 -10.94
C THR C 114 -11.11 -24.62 -12.17
N LYS C 115 -12.42 -24.71 -11.96
CA LYS C 115 -13.35 -24.87 -13.05
C LYS C 115 -14.11 -23.57 -13.20
N THR C 116 -14.40 -23.19 -14.44
CA THR C 116 -15.15 -21.98 -14.68
C THR C 116 -16.55 -22.38 -15.14
N VAL C 117 -17.54 -22.10 -14.32
CA VAL C 117 -18.88 -22.45 -14.71
C VAL C 117 -19.59 -21.29 -15.38
N PRO C 118 -20.01 -21.49 -16.62
CA PRO C 118 -20.72 -20.43 -17.35
C PRO C 118 -22.14 -20.36 -16.83
N LEU C 119 -22.51 -19.23 -16.24
CA LEU C 119 -23.83 -19.05 -15.69
C LEU C 119 -24.80 -18.48 -16.70
N SER C 120 -26.05 -18.91 -16.65
CA SER C 120 -27.05 -18.37 -17.54
C SER C 120 -27.53 -17.09 -16.89
N GLU C 121 -27.89 -16.10 -17.70
CA GLU C 121 -28.35 -14.84 -17.16
C GLU C 121 -29.55 -15.04 -16.25
N VAL C 122 -29.56 -14.26 -15.17
CA VAL C 122 -30.64 -14.34 -14.22
C VAL C 122 -30.85 -12.94 -13.67
N VAL C 123 -32.02 -12.38 -14.01
CA VAL C 123 -32.40 -11.05 -13.57
C VAL C 123 -32.74 -11.10 -12.10
N ALA C 124 -32.38 -10.03 -11.39
CA ALA C 124 -32.60 -9.91 -9.97
C ALA C 124 -34.05 -9.71 -9.53
N ASN C 125 -34.25 -9.77 -8.22
CA ASN C 125 -35.52 -9.59 -7.53
C ASN C 125 -36.54 -8.85 -8.38
N GLN D 8 21.80 -38.57 9.95
CA GLN D 8 21.52 -37.71 8.79
C GLN D 8 20.05 -37.81 8.34
N THR D 9 19.39 -36.68 8.23
CA THR D 9 18.00 -36.70 7.82
C THR D 9 17.81 -36.24 6.38
N HIS D 10 18.12 -34.99 6.09
CA HIS D 10 17.93 -34.51 4.73
C HIS D 10 19.03 -34.84 3.74
N LEU D 11 18.63 -35.13 2.52
CA LEU D 11 19.59 -35.38 1.48
C LEU D 11 20.03 -33.95 1.20
N ASN D 12 21.11 -33.78 0.45
CA ASN D 12 21.59 -32.45 0.12
C ASN D 12 21.01 -32.04 -1.23
N PHE D 13 19.77 -31.58 -1.24
CA PHE D 13 19.13 -31.18 -2.48
C PHE D 13 19.58 -29.78 -2.88
N THR D 14 19.51 -29.50 -4.19
CA THR D 14 19.88 -28.21 -4.74
C THR D 14 18.58 -27.67 -5.30
N GLN D 15 17.94 -26.78 -4.56
CA GLN D 15 16.67 -26.18 -4.95
C GLN D 15 16.67 -25.51 -6.32
N ILE D 16 15.58 -25.71 -7.05
CA ILE D 16 15.37 -25.13 -8.37
C ILE D 16 13.92 -24.66 -8.35
N LYS D 17 13.63 -23.59 -9.09
CA LYS D 17 12.29 -23.04 -9.11
C LYS D 17 11.63 -22.97 -10.49
N THR D 18 12.43 -22.79 -11.53
CA THR D 18 11.88 -22.66 -12.87
C THR D 18 12.32 -23.73 -13.85
N VAL D 19 11.72 -23.71 -15.04
CA VAL D 19 12.08 -24.68 -16.07
C VAL D 19 13.53 -24.47 -16.48
N ASP D 20 13.95 -23.20 -16.51
CA ASP D 20 15.31 -22.87 -16.89
C ASP D 20 16.31 -23.37 -15.87
N GLU D 21 16.07 -23.04 -14.60
CA GLU D 21 16.95 -23.49 -13.54
C GLU D 21 17.15 -24.99 -13.64
N LEU D 22 16.11 -25.69 -14.09
CA LEU D 22 16.18 -27.12 -14.24
C LEU D 22 17.19 -27.48 -15.31
N ASN D 23 16.98 -26.96 -16.52
CA ASN D 23 17.89 -27.24 -17.62
C ASN D 23 19.32 -26.85 -17.27
N GLN D 24 19.48 -25.71 -16.60
CA GLN D 24 20.81 -25.29 -16.24
C GLN D 24 21.46 -26.33 -15.35
N ALA D 25 20.80 -26.71 -14.27
CA ALA D 25 21.33 -27.71 -13.35
C ALA D 25 21.58 -29.01 -14.10
N LEU D 26 20.80 -29.24 -15.16
CA LEU D 26 20.95 -30.44 -15.97
C LEU D 26 22.27 -30.44 -16.74
N VAL D 27 22.59 -29.32 -17.37
CA VAL D 27 23.83 -29.21 -18.12
C VAL D 27 25.00 -29.29 -17.14
N GLU D 28 24.85 -28.59 -16.00
CA GLU D 28 25.87 -28.57 -14.96
C GLU D 28 26.11 -30.00 -14.48
N ALA D 29 25.07 -30.82 -14.54
CA ALA D 29 25.19 -32.22 -14.13
C ALA D 29 26.26 -32.83 -14.99
N LYS D 30 26.36 -32.31 -16.21
CA LYS D 30 27.35 -32.76 -17.17
C LYS D 30 27.38 -34.28 -17.25
N GLY D 31 26.37 -34.85 -17.91
CA GLY D 31 26.31 -36.28 -18.08
C GLY D 31 26.12 -37.16 -16.85
N LYS D 32 25.96 -36.56 -15.68
CA LYS D 32 25.76 -37.36 -14.49
C LYS D 32 24.28 -37.75 -14.35
N PRO D 33 23.98 -38.73 -13.48
CA PRO D 33 22.59 -39.13 -13.30
C PRO D 33 21.96 -38.07 -12.38
N VAL D 34 20.74 -37.69 -12.67
CA VAL D 34 20.09 -36.69 -11.84
C VAL D 34 18.70 -37.11 -11.41
N MET D 35 18.33 -36.73 -10.19
CA MET D 35 17.02 -37.05 -9.65
C MET D 35 16.35 -35.75 -9.20
N LEU D 36 15.12 -35.56 -9.68
CA LEU D 36 14.35 -34.38 -9.30
C LEU D 36 13.17 -34.80 -8.42
N ASP D 37 13.10 -34.18 -7.25
CA ASP D 37 12.03 -34.46 -6.30
C ASP D 37 11.08 -33.28 -6.20
N LEU D 38 9.83 -33.47 -6.60
CA LEU D 38 8.87 -32.39 -6.51
C LEU D 38 8.09 -32.56 -5.22
N TYR D 39 8.07 -31.53 -4.40
CA TYR D 39 7.35 -31.62 -3.14
C TYR D 39 6.59 -30.36 -2.77
N ALA D 40 5.68 -30.49 -1.81
CA ALA D 40 4.87 -29.37 -1.31
C ALA D 40 4.56 -29.57 0.16
N ASP D 41 4.59 -28.49 0.94
CA ASP D 41 4.33 -28.56 2.37
C ASP D 41 2.96 -29.13 2.70
N TRP D 42 1.93 -28.72 1.94
CA TRP D 42 0.58 -29.22 2.18
C TRP D 42 0.41 -30.70 1.93
N CYS D 43 1.25 -31.28 1.08
CA CYS D 43 1.15 -32.70 0.77
C CYS D 43 1.75 -33.61 1.83
N VAL D 44 0.89 -34.31 2.57
CA VAL D 44 1.34 -35.21 3.61
C VAL D 44 2.21 -36.33 3.06
N ALA D 45 1.86 -36.83 1.89
CA ALA D 45 2.62 -37.90 1.28
C ALA D 45 4.04 -37.39 0.98
N SER D 46 4.10 -36.12 0.61
CA SER D 46 5.34 -35.45 0.28
C SER D 46 6.17 -35.40 1.56
N LYS D 47 5.51 -35.13 2.68
CA LYS D 47 6.19 -35.07 3.95
C LYS D 47 6.66 -36.45 4.38
N GLU D 48 5.84 -37.46 4.13
CA GLU D 48 6.15 -38.85 4.46
C GLU D 48 7.41 -39.31 3.74
N PHE D 49 7.52 -38.86 2.50
CA PHE D 49 8.64 -39.24 1.68
C PHE D 49 9.91 -38.70 2.29
N GLU D 50 9.86 -37.45 2.73
CA GLU D 50 11.01 -36.82 3.33
C GLU D 50 11.37 -37.44 4.67
N LYS D 51 10.37 -37.70 5.50
CA LYS D 51 10.60 -38.25 6.81
C LYS D 51 10.96 -39.73 6.88
N TYR D 52 10.38 -40.53 6.00
CA TYR D 52 10.63 -41.95 6.06
C TYR D 52 11.44 -42.58 4.94
N THR D 53 11.67 -41.87 3.86
CA THR D 53 12.42 -42.46 2.77
C THR D 53 13.74 -41.78 2.45
N PHE D 54 13.70 -40.49 2.14
CA PHE D 54 14.94 -39.78 1.83
C PHE D 54 15.85 -39.75 3.05
N SER D 55 15.32 -40.17 4.19
CA SER D 55 16.07 -40.16 5.43
C SER D 55 16.75 -41.50 5.67
N ASP D 56 16.29 -42.53 4.99
CA ASP D 56 16.86 -43.84 5.16
C ASP D 56 18.31 -43.90 4.73
N PRO D 57 19.16 -44.52 5.56
CA PRO D 57 20.59 -44.63 5.27
C PRO D 57 20.90 -45.24 3.90
N GLN D 58 20.30 -46.38 3.60
CA GLN D 58 20.55 -47.04 2.32
C GLN D 58 20.12 -46.18 1.13
N VAL D 59 18.90 -45.64 1.17
CA VAL D 59 18.45 -44.82 0.05
C VAL D 59 19.43 -43.70 -0.17
N GLN D 60 19.98 -43.15 0.91
CA GLN D 60 20.95 -42.07 0.77
C GLN D 60 22.25 -42.56 0.18
N LYS D 61 22.61 -43.80 0.48
CA LYS D 61 23.84 -44.37 -0.07
C LYS D 61 23.65 -44.64 -1.55
N ALA D 62 22.47 -45.12 -1.91
CA ALA D 62 22.17 -45.41 -3.29
C ALA D 62 22.20 -44.14 -4.13
N LEU D 63 21.91 -43.01 -3.52
CA LEU D 63 21.88 -41.74 -4.23
C LEU D 63 23.20 -40.98 -4.12
N ALA D 64 24.17 -41.61 -3.47
CA ALA D 64 25.48 -41.02 -3.26
C ALA D 64 26.10 -40.41 -4.52
N ASP D 65 25.93 -41.09 -5.65
CA ASP D 65 26.52 -40.57 -6.88
C ASP D 65 25.52 -39.91 -7.80
N THR D 66 24.37 -39.52 -7.27
CA THR D 66 23.37 -38.87 -8.11
C THR D 66 23.25 -37.40 -7.75
N VAL D 67 23.04 -36.56 -8.76
CA VAL D 67 22.87 -35.13 -8.54
C VAL D 67 21.44 -34.98 -8.01
N LEU D 68 21.29 -34.36 -6.84
CA LEU D 68 19.97 -34.20 -6.25
C LEU D 68 19.33 -32.82 -6.41
N LEU D 69 18.29 -32.76 -7.21
CA LEU D 69 17.57 -31.51 -7.44
C LEU D 69 16.21 -31.59 -6.75
N GLN D 70 15.69 -30.45 -6.31
CA GLN D 70 14.40 -30.43 -5.63
C GLN D 70 13.64 -29.13 -5.83
N ALA D 71 12.42 -29.27 -6.35
CA ALA D 71 11.56 -28.12 -6.60
C ALA D 71 10.45 -28.07 -5.55
N ASN D 72 10.42 -27.00 -4.76
CA ASN D 72 9.40 -26.84 -3.73
C ASN D 72 8.25 -26.06 -4.35
N VAL D 73 7.18 -26.74 -4.74
CA VAL D 73 6.05 -26.07 -5.36
C VAL D 73 4.89 -25.76 -4.43
N THR D 74 5.20 -25.60 -3.14
CA THR D 74 4.21 -25.30 -2.11
C THR D 74 3.30 -24.12 -2.45
N ALA D 75 3.90 -23.05 -2.97
CA ALA D 75 3.16 -21.84 -3.31
C ALA D 75 2.26 -22.02 -4.51
N ASN D 76 2.54 -23.03 -5.32
CA ASN D 76 1.71 -23.29 -6.49
C ASN D 76 1.52 -22.03 -7.30
N ASP D 77 2.60 -21.27 -7.47
CA ASP D 77 2.53 -20.04 -8.25
C ASP D 77 2.66 -20.31 -9.74
N ALA D 78 2.78 -19.24 -10.52
CA ALA D 78 2.91 -19.38 -11.96
C ALA D 78 4.12 -20.22 -12.34
N GLN D 79 5.30 -19.87 -11.84
CA GLN D 79 6.50 -20.63 -12.16
C GLN D 79 6.30 -22.08 -11.76
N ASP D 80 5.70 -22.31 -10.59
CA ASP D 80 5.42 -23.67 -10.14
C ASP D 80 4.57 -24.43 -11.18
N VAL D 81 3.37 -23.92 -11.43
CA VAL D 81 2.47 -24.54 -12.39
C VAL D 81 3.19 -24.75 -13.73
N ALA D 82 4.05 -23.80 -14.08
CA ALA D 82 4.81 -23.87 -15.32
C ALA D 82 5.68 -25.13 -15.34
N LEU D 83 6.54 -25.23 -14.33
CA LEU D 83 7.44 -26.36 -14.17
C LEU D 83 6.70 -27.70 -14.23
N LEU D 84 5.69 -27.84 -13.37
CA LEU D 84 4.90 -29.06 -13.32
C LEU D 84 4.30 -29.39 -14.68
N LYS D 85 3.79 -28.38 -15.39
CA LYS D 85 3.19 -28.58 -16.71
C LYS D 85 4.25 -29.04 -17.70
N HIS D 86 5.42 -28.40 -17.63
CA HIS D 86 6.54 -28.73 -18.49
C HIS D 86 6.98 -30.18 -18.28
N LEU D 87 7.03 -30.60 -17.02
CA LEU D 87 7.44 -31.94 -16.68
C LEU D 87 6.32 -32.98 -16.76
N ASN D 88 5.10 -32.55 -17.06
CA ASN D 88 4.04 -33.53 -17.15
C ASN D 88 3.82 -34.17 -15.78
N VAL D 89 3.83 -33.37 -14.70
CA VAL D 89 3.60 -33.93 -13.37
C VAL D 89 2.15 -33.72 -12.97
N LEU D 90 1.50 -34.78 -12.50
CA LEU D 90 0.10 -34.71 -12.12
C LEU D 90 -0.20 -34.42 -10.66
N GLY D 91 0.72 -34.74 -9.78
CA GLY D 91 0.50 -34.48 -8.37
C GLY D 91 1.76 -34.78 -7.61
N LEU D 92 1.69 -34.72 -6.29
CA LEU D 92 2.85 -34.98 -5.47
C LEU D 92 2.52 -36.05 -4.45
N PRO D 93 3.54 -36.79 -3.98
CA PRO D 93 4.94 -36.62 -4.38
C PRO D 93 5.24 -37.29 -5.72
N THR D 94 6.14 -36.69 -6.49
CA THR D 94 6.56 -37.23 -7.76
C THR D 94 8.06 -37.06 -7.88
N ILE D 95 8.74 -38.15 -8.25
CA ILE D 95 10.19 -38.13 -8.41
C ILE D 95 10.62 -38.54 -9.81
N LEU D 96 11.40 -37.66 -10.45
CA LEU D 96 11.90 -37.89 -11.82
C LEU D 96 13.37 -38.30 -11.83
N PHE D 97 13.76 -39.05 -12.85
CA PHE D 97 15.14 -39.53 -13.01
C PHE D 97 15.62 -39.24 -14.41
N PHE D 98 16.78 -38.59 -14.49
CA PHE D 98 17.34 -38.22 -15.77
C PHE D 98 18.68 -38.88 -16.08
N ASP D 99 18.94 -38.96 -17.39
CA ASP D 99 20.16 -39.51 -17.95
C ASP D 99 21.15 -38.39 -18.26
N GLY D 100 22.39 -38.76 -18.58
CA GLY D 100 23.42 -37.79 -18.89
C GLY D 100 23.07 -36.84 -20.04
N GLN D 101 21.95 -37.11 -20.70
CA GLN D 101 21.50 -36.29 -21.80
C GLN D 101 20.26 -35.51 -21.39
N GLY D 102 20.08 -35.35 -20.08
CA GLY D 102 18.95 -34.61 -19.56
C GLY D 102 17.54 -35.09 -19.88
N GLN D 103 17.36 -36.38 -20.16
CA GLN D 103 16.03 -36.91 -20.45
C GLN D 103 15.53 -37.73 -19.27
N GLU D 104 14.20 -37.82 -19.13
CA GLU D 104 13.61 -38.57 -18.04
C GLU D 104 13.42 -40.03 -18.41
N HIS D 105 13.78 -40.91 -17.49
CA HIS D 105 13.60 -42.34 -17.65
C HIS D 105 12.18 -42.59 -17.17
N PRO D 106 11.22 -42.70 -18.09
CA PRO D 106 9.83 -42.94 -17.69
C PRO D 106 9.69 -44.10 -16.72
N GLN D 107 10.44 -45.16 -16.96
CA GLN D 107 10.37 -46.33 -16.11
C GLN D 107 10.90 -46.07 -14.71
N ALA D 108 11.59 -44.95 -14.52
CA ALA D 108 12.13 -44.66 -13.20
C ALA D 108 11.26 -43.75 -12.33
N ARG D 109 10.30 -43.04 -12.95
CA ARG D 109 9.44 -42.10 -12.24
C ARG D 109 8.67 -42.71 -11.07
N VAL D 110 8.68 -42.02 -9.93
CA VAL D 110 7.93 -42.50 -8.77
C VAL D 110 6.77 -41.54 -8.49
N THR D 111 5.55 -42.08 -8.47
CA THR D 111 4.36 -41.28 -8.23
C THR D 111 3.73 -41.70 -6.91
N GLY D 112 3.63 -40.76 -5.96
CA GLY D 112 3.03 -41.09 -4.68
C GLY D 112 4.07 -41.61 -3.70
N PHE D 113 3.69 -41.79 -2.44
CA PHE D 113 4.64 -42.27 -1.45
C PHE D 113 5.15 -43.67 -1.71
N MET D 114 6.43 -43.87 -1.42
CA MET D 114 7.07 -45.16 -1.57
C MET D 114 7.98 -45.38 -0.37
N ASP D 115 7.97 -46.58 0.20
CA ASP D 115 8.83 -46.85 1.36
C ASP D 115 10.31 -46.95 0.98
N ALA D 116 11.19 -46.77 1.95
CA ALA D 116 12.62 -46.83 1.70
C ALA D 116 13.06 -48.12 1.01
N GLU D 117 12.62 -49.27 1.52
CA GLU D 117 12.97 -50.56 0.93
C GLU D 117 12.72 -50.59 -0.57
N THR D 118 11.50 -50.26 -0.97
CA THR D 118 11.17 -50.28 -2.38
C THR D 118 11.93 -49.24 -3.16
N PHE D 119 12.02 -48.03 -2.62
CA PHE D 119 12.72 -46.98 -3.32
C PHE D 119 14.16 -47.34 -3.62
N SER D 120 14.91 -47.75 -2.61
CA SER D 120 16.32 -48.09 -2.81
C SER D 120 16.48 -49.31 -3.71
N ALA D 121 15.69 -50.35 -3.44
CA ALA D 121 15.71 -51.58 -4.19
C ALA D 121 15.72 -51.41 -5.71
N HIS D 122 15.14 -50.33 -6.21
CA HIS D 122 15.12 -50.11 -7.64
C HIS D 122 16.12 -49.08 -8.09
N LEU D 123 16.55 -48.24 -7.17
CA LEU D 123 17.52 -47.20 -7.49
C LEU D 123 18.66 -47.75 -8.33
N ARG D 124 19.55 -48.50 -7.68
CA ARG D 124 20.70 -49.10 -8.32
C ARG D 124 20.28 -50.21 -9.29
N ASP D 125 19.02 -50.16 -9.71
CA ASP D 125 18.47 -51.13 -10.65
C ASP D 125 18.34 -52.51 -10.02
N SER E 9 -4.60 25.20 24.05
CA SER E 9 -4.43 26.68 23.87
C SER E 9 -3.09 27.12 24.46
N GLN E 10 -2.91 26.85 25.74
CA GLN E 10 -1.66 27.19 26.42
C GLN E 10 -0.88 25.89 26.51
N PHE E 11 0.35 25.90 26.01
CA PHE E 11 1.17 24.70 26.04
C PHE E 11 2.23 24.78 27.11
N VAL E 12 2.38 23.68 27.86
CA VAL E 12 3.37 23.61 28.94
C VAL E 12 4.76 23.34 28.38
N PRO E 13 5.79 23.55 29.20
CA PRO E 13 7.15 23.29 28.73
C PRO E 13 7.29 21.81 28.42
N ALA E 14 8.23 21.48 27.53
CA ALA E 14 8.48 20.09 27.13
C ALA E 14 8.62 19.10 28.28
N ASP E 15 9.42 19.45 29.28
CA ASP E 15 9.65 18.58 30.41
C ASP E 15 8.41 18.44 31.28
N GLN E 16 7.40 19.28 31.03
CA GLN E 16 6.18 19.21 31.80
C GLN E 16 5.21 18.31 31.06
N ALA E 17 5.37 18.27 29.73
CA ALA E 17 4.50 17.48 28.88
C ALA E 17 4.92 16.02 28.88
N PHE E 18 6.24 15.82 28.87
CA PHE E 18 6.79 14.47 28.85
C PHE E 18 7.83 14.43 29.94
N ALA E 19 7.37 14.03 31.12
CA ALA E 19 8.21 13.93 32.31
C ALA E 19 9.08 12.70 32.21
N PHE E 20 10.36 12.89 31.91
CA PHE E 20 11.28 11.77 31.77
C PHE E 20 11.93 11.35 33.07
N ASP E 21 12.33 10.08 33.12
CA ASP E 21 12.99 9.54 34.29
C ASP E 21 13.47 8.13 33.98
N PHE E 22 14.37 7.64 34.83
CA PHE E 22 14.93 6.31 34.66
C PHE E 22 15.21 5.69 36.02
N GLN E 23 15.51 4.40 36.01
CA GLN E 23 15.80 3.64 37.21
C GLN E 23 16.74 2.54 36.79
N GLN E 24 17.87 2.39 37.48
CA GLN E 24 18.81 1.34 37.15
C GLN E 24 18.95 0.38 38.34
N ASN E 25 19.20 -0.88 38.03
CA ASN E 25 19.38 -1.92 39.05
C ASN E 25 20.22 -2.99 38.37
N GLN E 26 21.55 -2.82 38.45
CA GLN E 26 22.49 -3.73 37.80
C GLN E 26 22.21 -3.67 36.30
N HIS E 27 21.99 -4.84 35.69
CA HIS E 27 21.73 -4.94 34.26
C HIS E 27 20.34 -4.48 33.87
N ASP E 28 19.53 -4.10 34.86
CA ASP E 28 18.17 -3.65 34.61
C ASP E 28 17.97 -2.13 34.62
N LEU E 29 17.58 -1.60 33.46
CA LEU E 29 17.34 -0.17 33.31
C LEU E 29 15.92 0.08 32.82
N ASN E 30 15.23 1.02 33.45
CA ASN E 30 13.87 1.32 33.01
C ASN E 30 13.71 2.78 32.63
N LEU E 31 13.47 3.02 31.35
CA LEU E 31 13.28 4.37 30.85
C LEU E 31 11.80 4.71 30.95
N THR E 32 11.48 5.90 31.47
CA THR E 32 10.08 6.25 31.61
C THR E 32 9.68 7.68 31.30
N TRP E 33 8.52 7.83 30.70
CA TRP E 33 7.94 9.12 30.32
C TRP E 33 6.53 9.30 30.85
N GLN E 34 6.30 10.36 31.59
CA GLN E 34 4.96 10.61 32.09
C GLN E 34 4.43 11.61 31.06
N ILE E 35 3.50 11.14 30.23
CA ILE E 35 2.96 11.95 29.15
C ILE E 35 1.65 12.65 29.50
N LYS E 36 1.74 13.98 29.62
CA LYS E 36 0.59 14.80 29.95
C LYS E 36 -0.58 14.58 29.03
N ASP E 37 -1.77 14.51 29.61
CA ASP E 37 -2.98 14.29 28.84
C ASP E 37 -3.13 15.38 27.79
N GLY E 38 -3.36 14.95 26.55
CA GLY E 38 -3.50 15.88 25.45
C GLY E 38 -2.21 15.97 24.64
N TYR E 39 -1.20 15.23 25.08
CA TYR E 39 0.09 15.20 24.40
C TYR E 39 0.46 13.76 24.07
N TYR E 40 1.45 13.57 23.19
CA TYR E 40 1.85 12.21 22.82
C TYR E 40 3.25 12.19 22.21
N LEU E 41 3.90 11.04 22.29
CA LEU E 41 5.24 10.93 21.72
C LEU E 41 5.18 10.11 20.44
N TYR E 42 6.05 10.44 19.49
CA TYR E 42 6.12 9.71 18.24
C TYR E 42 7.06 8.52 18.42
N ARG E 43 6.52 7.32 18.28
CA ARG E 43 7.32 6.11 18.41
C ARG E 43 8.53 6.12 17.49
N LYS E 44 8.35 6.55 16.26
CA LYS E 44 9.44 6.54 15.28
C LYS E 44 10.52 7.55 15.57
N GLN E 45 10.35 8.34 16.62
CA GLN E 45 11.35 9.36 16.95
C GLN E 45 12.26 9.02 18.12
N ILE E 46 11.99 7.90 18.77
CA ILE E 46 12.78 7.44 19.91
C ILE E 46 14.14 6.86 19.47
N ARG E 47 15.19 7.24 20.18
CA ARG E 47 16.53 6.76 19.86
C ARG E 47 17.32 6.55 21.14
N ILE E 48 17.75 5.32 21.36
CA ILE E 48 18.53 4.96 22.54
C ILE E 48 19.95 4.54 22.15
N THR E 49 20.93 5.34 22.48
CA THR E 49 22.29 4.96 22.13
C THR E 49 23.24 4.92 23.33
N PRO E 50 23.98 3.80 23.48
CA PRO E 50 24.93 3.56 24.56
C PRO E 50 26.26 4.25 24.34
N GLU E 51 26.86 4.70 25.43
CA GLU E 51 28.16 5.37 25.40
C GLU E 51 29.03 4.71 26.49
N HIS E 52 29.90 3.78 26.08
CA HIS E 52 30.77 3.05 27.02
C HIS E 52 29.96 1.98 27.74
N ALA E 53 28.99 1.42 27.03
CA ALA E 53 28.16 0.37 27.59
C ALA E 53 27.65 -0.50 26.45
N LYS E 54 27.16 -1.68 26.80
CA LYS E 54 26.66 -2.59 25.79
C LYS E 54 25.25 -2.96 26.22
N ILE E 55 24.29 -2.60 25.36
CA ILE E 55 22.88 -2.83 25.61
C ILE E 55 22.27 -3.88 24.70
N ALA E 56 21.29 -4.62 25.23
CA ALA E 56 20.57 -5.62 24.45
C ALA E 56 19.62 -4.83 23.57
N ASP E 57 19.36 -5.27 22.35
CA ASP E 57 18.46 -4.49 21.50
C ASP E 57 17.13 -4.21 22.17
N VAL E 58 16.73 -2.94 22.10
CA VAL E 58 15.49 -2.47 22.71
C VAL E 58 14.26 -2.57 21.83
N GLN E 59 13.23 -3.23 22.34
CA GLN E 59 12.00 -3.36 21.58
C GLN E 59 10.97 -2.33 22.06
N LEU E 60 10.47 -1.53 21.12
CA LEU E 60 9.47 -0.50 21.40
C LEU E 60 8.08 -1.13 21.52
N PRO E 61 7.37 -0.85 22.61
CA PRO E 61 6.02 -1.40 22.82
C PRO E 61 5.02 -0.91 21.77
N GLN E 62 3.88 -1.59 21.69
CA GLN E 62 2.82 -1.24 20.75
C GLN E 62 2.02 -0.05 21.27
N GLY E 63 2.01 1.03 20.50
CA GLY E 63 1.25 2.21 20.90
C GLY E 63 -0.01 2.34 20.09
N VAL E 64 -0.60 3.54 20.10
CA VAL E 64 -1.81 3.82 19.36
C VAL E 64 -1.50 4.53 18.04
N TRP E 65 -2.50 4.62 17.17
CA TRP E 65 -2.32 5.27 15.87
C TRP E 65 -2.88 6.68 15.82
N HIS E 66 -2.08 7.61 15.30
CA HIS E 66 -2.45 9.02 15.14
C HIS E 66 -2.52 9.29 13.63
N GLU E 67 -3.56 10.01 13.20
CA GLU E 67 -3.74 10.34 11.78
C GLU E 67 -3.56 11.82 11.51
N ASP E 68 -2.83 12.14 10.44
CA ASP E 68 -2.64 13.52 10.01
C ASP E 68 -2.51 13.46 8.48
N GLU E 69 -2.97 14.49 7.78
CA GLU E 69 -2.93 14.47 6.33
C GLU E 69 -1.58 14.42 5.64
N PHE E 70 -0.49 14.58 6.38
CA PHE E 70 0.82 14.55 5.72
C PHE E 70 1.57 13.24 5.80
N TYR E 71 1.60 12.63 6.98
CA TYR E 71 2.32 11.37 7.13
C TYR E 71 1.33 10.23 7.22
N GLY E 72 0.06 10.56 7.02
CA GLY E 72 -0.96 9.55 7.12
C GLY E 72 -0.93 9.17 8.57
N LYS E 73 -0.84 7.88 8.87
CA LYS E 73 -0.79 7.52 10.28
C LYS E 73 0.60 7.36 10.83
N SER E 74 0.68 7.43 12.15
CA SER E 74 1.93 7.32 12.89
C SER E 74 1.61 6.65 14.21
N GLU E 75 2.52 5.81 14.68
CA GLU E 75 2.31 5.14 15.96
C GLU E 75 2.77 6.12 17.04
N ILE E 76 1.92 6.33 18.03
CA ILE E 76 2.23 7.26 19.11
C ILE E 76 1.99 6.65 20.49
N TYR E 77 2.49 7.34 21.51
CA TYR E 77 2.33 6.90 22.90
C TYR E 77 1.58 7.97 23.69
N ARG E 78 0.68 7.55 24.56
CA ARG E 78 -0.10 8.46 25.39
C ARG E 78 -0.03 8.05 26.87
N ASP E 79 -0.34 8.99 27.76
CA ASP E 79 -0.35 8.75 29.20
C ASP E 79 1.02 8.43 29.75
N ARG E 80 1.55 7.25 29.43
CA ARG E 80 2.87 6.87 29.92
C ARG E 80 3.60 5.94 28.96
N LEU E 81 4.92 5.93 29.06
CA LEU E 81 5.73 5.07 28.22
C LEU E 81 6.81 4.47 29.11
N THR E 82 6.84 3.14 29.17
CA THR E 82 7.86 2.45 29.95
C THR E 82 8.73 1.67 28.98
N LEU E 83 10.02 1.90 29.06
CA LEU E 83 10.95 1.24 28.16
C LEU E 83 12.02 0.48 28.93
N PRO E 84 11.92 -0.86 28.96
CA PRO E 84 12.89 -1.71 29.66
C PRO E 84 14.17 -1.84 28.86
N VAL E 85 15.30 -1.57 29.50
CA VAL E 85 16.58 -1.67 28.82
C VAL E 85 17.48 -2.63 29.60
N THR E 86 18.17 -3.48 28.86
CA THR E 86 19.06 -4.45 29.46
C THR E 86 20.50 -4.03 29.25
N ILE E 87 21.20 -3.80 30.36
CA ILE E 87 22.61 -3.38 30.29
C ILE E 87 23.51 -4.56 30.53
N ASN E 88 24.14 -5.06 29.47
CA ASN E 88 25.05 -6.20 29.60
C ASN E 88 26.35 -5.72 30.23
N GLN E 89 26.91 -4.64 29.69
CA GLN E 89 28.15 -4.09 30.22
C GLN E 89 28.09 -2.57 30.27
N ALA E 90 28.81 -2.00 31.23
CA ALA E 90 28.84 -0.55 31.39
C ALA E 90 30.06 -0.10 32.19
N SER E 91 30.95 0.65 31.56
CA SER E 91 32.14 1.15 32.23
C SER E 91 31.78 2.27 33.20
N ALA E 92 32.73 2.69 34.03
CA ALA E 92 32.47 3.78 34.97
C ALA E 92 32.36 5.06 34.15
N GLY E 93 31.22 5.74 34.30
CA GLY E 93 30.99 6.95 33.54
C GLY E 93 30.23 6.64 32.25
N ALA E 94 29.78 5.39 32.12
CA ALA E 94 29.01 4.98 30.95
C ALA E 94 27.72 5.79 30.96
N THR E 95 27.19 6.10 29.79
CA THR E 95 25.94 6.85 29.74
C THR E 95 25.04 6.41 28.60
N LEU E 96 23.76 6.69 28.77
CA LEU E 96 22.78 6.34 27.77
C LEU E 96 22.22 7.62 27.20
N THR E 97 22.26 7.75 25.88
CA THR E 97 21.74 8.94 25.23
C THR E 97 20.34 8.64 24.70
N VAL E 98 19.34 9.29 25.29
CA VAL E 98 17.95 9.07 24.90
C VAL E 98 17.29 10.28 24.24
N THR E 99 16.86 10.08 23.00
CA THR E 99 16.21 11.14 22.26
C THR E 99 14.79 10.75 21.90
N TYR E 100 13.91 11.74 21.99
CA TYR E 100 12.50 11.52 21.67
C TYR E 100 11.87 12.84 21.21
N GLN E 101 10.65 12.75 20.70
CA GLN E 101 9.96 13.93 20.21
C GLN E 101 8.45 13.75 20.33
N GLY E 102 7.77 14.81 20.79
CA GLY E 102 6.34 14.73 20.95
C GLY E 102 5.61 15.96 20.46
N SER E 103 4.28 15.89 20.52
CA SER E 103 3.44 16.97 20.07
C SER E 103 2.17 17.02 20.90
N ALA E 104 1.40 18.10 20.71
CA ALA E 104 0.15 18.30 21.43
C ALA E 104 -1.05 18.23 20.49
N ASP E 105 -2.13 17.60 20.97
CA ASP E 105 -3.34 17.45 20.19
C ASP E 105 -3.85 18.74 19.58
N ALA E 106 -3.80 19.82 20.35
CA ALA E 106 -4.30 21.11 19.86
C ALA E 106 -3.48 21.68 18.72
N GLY E 107 -2.46 20.96 18.28
CA GLY E 107 -1.65 21.43 17.17
C GLY E 107 -0.37 22.17 17.52
N PHE E 108 0.53 21.48 18.21
CA PHE E 108 1.81 22.08 18.60
C PHE E 108 2.86 20.99 18.59
N CYS E 109 3.97 21.24 17.91
CA CYS E 109 5.05 20.26 17.82
C CYS E 109 6.26 20.67 18.62
N TYR E 110 6.71 19.82 19.53
CA TYR E 110 7.91 20.14 20.26
C TYR E 110 9.09 19.61 19.46
N PRO E 111 10.26 20.26 19.56
CA PRO E 111 11.42 19.78 18.82
C PRO E 111 11.94 18.56 19.54
N PRO E 112 12.94 17.88 18.97
CA PRO E 112 13.54 16.68 19.56
C PRO E 112 14.20 17.00 20.89
N GLU E 113 14.16 16.05 21.80
CA GLU E 113 14.77 16.21 23.11
C GLU E 113 15.77 15.09 23.34
N THR E 114 16.87 15.41 24.00
CA THR E 114 17.87 14.39 24.27
C THR E 114 18.27 14.43 25.73
N LYS E 115 18.08 13.31 26.41
CA LYS E 115 18.47 13.20 27.81
C LYS E 115 19.67 12.27 27.92
N THR E 116 20.62 12.60 28.79
CA THR E 116 21.77 11.74 29.00
C THR E 116 21.61 11.02 30.33
N VAL E 117 21.43 9.71 30.26
CA VAL E 117 21.26 8.92 31.46
C VAL E 117 22.60 8.39 31.96
N PRO E 118 23.00 8.79 33.19
CA PRO E 118 24.28 8.27 33.69
C PRO E 118 24.02 6.83 34.17
N LEU E 119 24.81 5.90 33.63
CA LEU E 119 24.69 4.49 33.97
C LEU E 119 25.65 4.12 35.09
N SER E 120 25.25 3.15 35.90
CA SER E 120 26.08 2.67 37.01
C SER E 120 26.84 1.41 36.56
N GLU E 121 27.20 0.57 37.52
CA GLU E 121 27.92 -0.66 37.21
C GLU E 121 29.17 -0.30 36.42
N HIS F 10 0.97 33.31 -1.69
CA HIS F 10 2.19 33.12 -0.91
C HIS F 10 2.73 34.43 -0.31
N LEU F 11 2.64 34.58 1.01
CA LEU F 11 3.17 35.76 1.67
C LEU F 11 4.66 35.74 1.40
N ASN F 12 5.28 36.91 1.25
CA ASN F 12 6.70 36.91 0.97
C ASN F 12 7.54 37.19 2.20
N PHE F 13 7.95 36.11 2.85
CA PHE F 13 8.77 36.21 4.04
C PHE F 13 10.20 36.51 3.65
N THR F 14 10.96 37.05 4.59
CA THR F 14 12.36 37.35 4.36
C THR F 14 13.06 36.51 5.42
N GLN F 15 13.60 35.38 4.99
CA GLN F 15 14.27 34.44 5.88
C GLN F 15 15.40 35.02 6.71
N ILE F 16 15.47 34.53 7.94
CA ILE F 16 16.51 34.93 8.88
C ILE F 16 16.93 33.63 9.54
N LYS F 17 18.18 33.54 9.97
CA LYS F 17 18.67 32.31 10.57
C LYS F 17 19.22 32.47 11.97
N THR F 18 19.82 33.62 12.23
CA THR F 18 20.44 33.86 13.53
C THR F 18 19.78 34.95 14.35
N VAL F 19 20.24 35.09 15.60
CA VAL F 19 19.72 36.10 16.49
C VAL F 19 20.09 37.49 15.96
N ASP F 20 21.28 37.60 15.36
CA ASP F 20 21.73 38.89 14.81
C ASP F 20 20.87 39.23 13.61
N GLU F 21 20.73 38.27 12.71
CA GLU F 21 19.93 38.45 11.51
C GLU F 21 18.60 39.08 11.89
N LEU F 22 18.04 38.59 13.00
CA LEU F 22 16.76 39.10 13.48
C LEU F 22 16.85 40.56 13.89
N ASN F 23 17.81 40.88 14.74
CA ASN F 23 17.98 42.25 15.21
C ASN F 23 18.24 43.18 14.03
N GLN F 24 19.01 42.71 13.06
CA GLN F 24 19.31 43.52 11.90
C GLN F 24 17.99 43.84 11.20
N ALA F 25 17.27 42.78 10.82
CA ALA F 25 16.00 42.94 10.14
C ALA F 25 15.08 43.86 10.92
N LEU F 26 15.20 43.81 12.24
CA LEU F 26 14.38 44.63 13.13
C LEU F 26 14.70 46.11 13.00
N VAL F 27 15.99 46.44 12.93
CA VAL F 27 16.42 47.83 12.79
C VAL F 27 15.89 48.41 11.47
N GLU F 28 16.03 47.65 10.39
CA GLU F 28 15.55 48.12 9.09
C GLU F 28 14.03 48.31 9.14
N ALA F 29 13.35 47.40 9.84
CA ALA F 29 11.92 47.46 9.98
C ALA F 29 11.48 48.75 10.67
N LYS F 30 12.37 49.31 11.50
CA LYS F 30 12.11 50.55 12.25
C LYS F 30 10.93 51.36 11.72
N GLY F 31 9.96 51.59 12.60
CA GLY F 31 8.79 52.35 12.22
C GLY F 31 7.65 51.51 11.73
N LYS F 32 7.92 50.25 11.40
CA LYS F 32 6.88 49.35 10.89
C LYS F 32 6.65 48.16 11.82
N PRO F 33 5.45 47.56 11.77
CA PRO F 33 5.10 46.41 12.61
C PRO F 33 5.69 45.13 12.01
N VAL F 34 6.38 44.34 12.84
CA VAL F 34 7.03 43.14 12.36
C VAL F 34 6.45 41.85 12.90
N MET F 35 6.42 40.82 12.05
CA MET F 35 5.94 39.52 12.45
C MET F 35 6.98 38.46 12.11
N LEU F 36 7.27 37.60 13.08
CA LEU F 36 8.23 36.53 12.86
C LEU F 36 7.52 35.20 12.99
N ASP F 37 7.67 34.38 11.96
CA ASP F 37 7.07 33.05 11.92
C ASP F 37 8.12 31.98 12.08
N LEU F 38 8.05 31.21 13.15
CA LEU F 38 9.00 30.11 13.37
C LEU F 38 8.37 28.86 12.76
N TYR F 39 9.06 28.30 11.78
CA TYR F 39 8.58 27.14 11.01
C TYR F 39 9.55 25.94 10.95
N ALA F 40 8.98 24.75 10.73
CA ALA F 40 9.74 23.51 10.62
C ALA F 40 9.03 22.54 9.69
N ASP F 41 9.78 21.90 8.80
CA ASP F 41 9.18 20.95 7.86
C ASP F 41 8.52 19.76 8.55
N TRP F 42 9.17 19.21 9.57
CA TRP F 42 8.60 18.05 10.26
C TRP F 42 7.33 18.37 11.01
N CYS F 43 7.12 19.63 11.34
CA CYS F 43 5.92 20.04 12.08
C CYS F 43 4.66 20.17 11.25
N VAL F 44 3.75 19.22 11.45
CA VAL F 44 2.47 19.19 10.74
C VAL F 44 1.70 20.50 10.90
N ALA F 45 1.59 20.95 12.13
CA ALA F 45 0.87 22.19 12.42
C ALA F 45 1.54 23.37 11.70
N SER F 46 2.86 23.29 11.59
CA SER F 46 3.63 24.33 10.94
C SER F 46 3.23 24.33 9.46
N LYS F 47 3.01 23.14 8.93
CA LYS F 47 2.60 22.99 7.53
C LYS F 47 1.17 23.49 7.37
N GLU F 48 0.30 23.12 8.31
CA GLU F 48 -1.09 23.52 8.26
C GLU F 48 -1.22 25.03 8.28
N PHE F 49 -0.36 25.69 9.05
CA PHE F 49 -0.42 27.13 9.13
C PHE F 49 -0.12 27.74 7.77
N GLU F 50 0.90 27.23 7.09
CA GLU F 50 1.28 27.73 5.78
C GLU F 50 0.16 27.46 4.76
N LYS F 51 -0.34 26.24 4.78
CA LYS F 51 -1.36 25.80 3.84
C LYS F 51 -2.76 26.39 4.01
N TYR F 52 -3.20 26.58 5.24
CA TYR F 52 -4.55 27.10 5.46
C TYR F 52 -4.69 28.48 6.05
N THR F 53 -3.62 29.10 6.53
CA THR F 53 -3.79 30.42 7.10
C THR F 53 -2.98 31.51 6.39
N PHE F 54 -1.67 31.35 6.27
CA PHE F 54 -0.87 32.36 5.60
C PHE F 54 -1.29 32.47 4.14
N SER F 55 -2.13 31.53 3.71
CA SER F 55 -2.61 31.49 2.34
C SER F 55 -3.95 32.20 2.17
N ASP F 56 -4.65 32.39 3.29
CA ASP F 56 -5.95 33.06 3.28
C ASP F 56 -5.83 34.50 2.80
N PRO F 57 -6.73 34.92 1.89
CA PRO F 57 -6.76 36.27 1.33
C PRO F 57 -6.75 37.37 2.39
N GLN F 58 -7.71 37.31 3.31
CA GLN F 58 -7.83 38.29 4.38
C GLN F 58 -6.53 38.40 5.16
N VAL F 59 -6.09 37.27 5.71
CA VAL F 59 -4.88 37.22 6.52
C VAL F 59 -3.75 37.96 5.79
N GLN F 60 -3.65 37.74 4.49
CA GLN F 60 -2.62 38.38 3.69
C GLN F 60 -2.85 39.87 3.62
N LYS F 61 -4.12 40.27 3.61
CA LYS F 61 -4.50 41.67 3.55
C LYS F 61 -4.09 42.35 4.85
N ALA F 62 -4.43 41.71 5.96
CA ALA F 62 -4.12 42.23 7.29
C ALA F 62 -2.62 42.40 7.49
N LEU F 63 -1.84 41.57 6.81
CA LEU F 63 -0.39 41.61 6.93
C LEU F 63 0.27 42.51 5.88
N ALA F 64 -0.57 43.12 5.05
CA ALA F 64 -0.10 43.99 3.97
C ALA F 64 0.92 45.04 4.40
N ASP F 65 0.74 45.60 5.59
CA ASP F 65 1.67 46.62 6.07
C ASP F 65 2.61 46.16 7.15
N THR F 66 2.78 44.85 7.27
CA THR F 66 3.67 44.28 8.27
C THR F 66 4.92 43.71 7.61
N VAL F 67 6.07 43.89 8.25
CA VAL F 67 7.32 43.34 7.73
C VAL F 67 7.24 41.86 8.07
N LEU F 68 7.45 41.00 7.08
CA LEU F 68 7.35 39.56 7.31
C LEU F 68 8.67 38.82 7.39
N LEU F 69 9.05 38.38 8.59
CA LEU F 69 10.29 37.63 8.77
C LEU F 69 9.93 36.18 9.06
N GLN F 70 10.82 35.26 8.69
CA GLN F 70 10.56 33.85 8.93
C GLN F 70 11.85 33.06 9.10
N ALA F 71 11.92 32.30 10.20
CA ALA F 71 13.07 31.49 10.50
C ALA F 71 12.69 30.02 10.31
N ASN F 72 13.41 29.34 9.42
CA ASN F 72 13.17 27.92 9.15
C ASN F 72 14.09 27.13 10.05
N VAL F 73 13.54 26.58 11.14
CA VAL F 73 14.37 25.84 12.09
C VAL F 73 14.33 24.33 11.94
N THR F 74 14.01 23.88 10.73
CA THR F 74 13.88 22.44 10.47
C THR F 74 15.15 21.64 10.80
N ALA F 75 16.33 22.20 10.55
CA ALA F 75 17.57 21.49 10.84
C ALA F 75 17.83 21.35 12.34
N ASN F 76 17.21 22.22 13.13
CA ASN F 76 17.39 22.22 14.58
C ASN F 76 18.87 22.23 14.93
N ASP F 77 19.65 23.02 14.22
CA ASP F 77 21.07 23.11 14.47
C ASP F 77 21.40 24.07 15.61
N ALA F 78 22.68 24.34 15.79
CA ALA F 78 23.12 25.24 16.85
C ALA F 78 22.44 26.61 16.73
N GLN F 79 22.60 27.25 15.57
CA GLN F 79 22.00 28.55 15.32
C GLN F 79 20.51 28.51 15.62
N ASP F 80 19.86 27.46 15.12
CA ASP F 80 18.43 27.29 15.35
C ASP F 80 18.13 27.30 16.85
N VAL F 81 18.64 26.30 17.56
CA VAL F 81 18.39 26.20 18.99
C VAL F 81 18.73 27.50 19.71
N ALA F 82 19.73 28.22 19.21
CA ALA F 82 20.13 29.47 19.81
C ALA F 82 19.00 30.49 19.69
N LEU F 83 18.53 30.69 18.46
CA LEU F 83 17.46 31.61 18.16
C LEU F 83 16.23 31.28 19.01
N LEU F 84 15.80 30.03 18.96
CA LEU F 84 14.65 29.61 19.74
C LEU F 84 14.80 29.93 21.22
N LYS F 85 15.99 29.67 21.77
CA LYS F 85 16.28 29.91 23.18
C LYS F 85 16.25 31.39 23.49
N HIS F 86 16.77 32.19 22.58
CA HIS F 86 16.80 33.63 22.75
C HIS F 86 15.37 34.18 22.78
N LEU F 87 14.52 33.63 21.94
CA LEU F 87 13.13 34.09 21.85
C LEU F 87 12.23 33.38 22.84
N ASN F 88 12.81 32.45 23.60
CA ASN F 88 12.05 31.66 24.55
C ASN F 88 10.86 31.03 23.86
N VAL F 89 11.15 30.30 22.78
CA VAL F 89 10.11 29.61 22.03
C VAL F 89 10.13 28.16 22.46
N LEU F 90 8.97 27.62 22.82
CA LEU F 90 8.90 26.24 23.26
C LEU F 90 8.61 25.20 22.19
N GLY F 91 7.98 25.61 21.10
CA GLY F 91 7.67 24.66 20.06
C GLY F 91 7.13 25.37 18.83
N LEU F 92 6.67 24.61 17.85
CA LEU F 92 6.13 25.19 16.64
C LEU F 92 4.78 24.62 16.35
N PRO F 93 3.94 25.36 15.64
CA PRO F 93 4.26 26.70 15.12
C PRO F 93 4.13 27.79 16.20
N THR F 94 4.99 28.80 16.11
CA THR F 94 4.95 29.92 17.03
C THR F 94 5.16 31.18 16.23
N ILE F 95 4.35 32.19 16.50
CA ILE F 95 4.46 33.45 15.78
C ILE F 95 4.60 34.65 16.73
N LEU F 96 5.65 35.44 16.51
CA LEU F 96 5.93 36.63 17.33
C LEU F 96 5.57 37.93 16.63
N PHE F 97 5.28 38.96 17.42
CA PHE F 97 4.91 40.27 16.91
C PHE F 97 5.70 41.39 17.59
N PHE F 98 6.28 42.27 16.79
CA PHE F 98 7.04 43.39 17.30
C PHE F 98 6.36 44.71 16.96
N ASP F 99 6.51 45.72 17.82
CA ASP F 99 5.92 47.02 17.58
C ASP F 99 6.83 47.89 16.73
N GLY F 100 6.37 49.11 16.46
CA GLY F 100 7.14 50.04 15.66
C GLY F 100 8.53 50.29 16.20
N GLN F 101 8.67 50.22 17.52
CA GLN F 101 9.98 50.44 18.16
C GLN F 101 10.89 49.22 18.03
N GLY F 102 10.31 48.09 17.63
CA GLY F 102 11.09 46.87 17.48
C GLY F 102 11.12 46.02 18.73
N GLN F 103 10.06 46.12 19.53
CA GLN F 103 9.96 45.36 20.77
C GLN F 103 8.93 44.27 20.57
N GLU F 104 9.22 43.08 21.09
CA GLU F 104 8.29 41.97 20.95
C GLU F 104 7.23 42.06 22.03
N HIS F 105 5.98 41.85 21.65
CA HIS F 105 4.88 41.91 22.61
C HIS F 105 4.35 40.51 22.81
N PRO F 106 4.90 39.81 23.81
CA PRO F 106 4.55 38.43 24.17
C PRO F 106 3.08 38.06 24.15
N GLN F 107 2.24 38.82 24.85
CA GLN F 107 0.82 38.51 24.88
C GLN F 107 0.29 38.32 23.47
N ALA F 108 0.96 38.95 22.50
CA ALA F 108 0.55 38.88 21.10
C ALA F 108 0.88 37.59 20.37
N ARG F 109 1.81 36.82 20.92
CA ARG F 109 2.27 35.58 20.31
C ARG F 109 1.20 34.53 20.05
N VAL F 110 1.36 33.81 18.94
CA VAL F 110 0.45 32.73 18.61
C VAL F 110 1.24 31.42 18.71
N THR F 111 0.76 30.49 19.53
CA THR F 111 1.42 29.19 19.68
C THR F 111 0.47 28.10 19.21
N GLY F 112 0.96 27.26 18.31
CA GLY F 112 0.14 26.18 17.78
C GLY F 112 -0.64 26.63 16.57
N PHE F 113 -1.35 25.73 15.92
CA PHE F 113 -2.10 26.10 14.74
C PHE F 113 -3.27 26.99 15.07
N MET F 114 -3.55 27.94 14.18
CA MET F 114 -4.66 28.87 14.33
C MET F 114 -5.28 29.03 12.95
N ASP F 115 -6.60 28.94 12.86
CA ASP F 115 -7.24 29.08 11.56
C ASP F 115 -7.24 30.54 11.07
N ALA F 116 -7.45 30.71 9.77
CA ALA F 116 -7.47 32.02 9.14
C ALA F 116 -8.38 33.03 9.84
N GLU F 117 -9.65 32.68 10.02
CA GLU F 117 -10.58 33.60 10.67
C GLU F 117 -10.04 34.13 12.01
N THR F 118 -9.58 33.22 12.85
CA THR F 118 -9.04 33.57 14.15
C THR F 118 -7.79 34.44 14.04
N PHE F 119 -6.87 34.01 13.20
CA PHE F 119 -5.63 34.72 13.02
C PHE F 119 -5.87 36.14 12.55
N SER F 120 -6.67 36.28 11.49
CA SER F 120 -7.01 37.58 10.92
C SER F 120 -7.55 38.48 12.03
N ALA F 121 -8.43 37.91 12.84
CA ALA F 121 -9.02 38.63 13.95
C ALA F 121 -7.86 39.05 14.85
N HIS F 122 -7.05 38.07 15.24
CA HIS F 122 -5.89 38.27 16.09
C HIS F 122 -4.98 39.35 15.51
N LEU F 123 -4.81 39.34 14.20
CA LEU F 123 -3.98 40.34 13.54
C LEU F 123 -4.64 41.70 13.69
N ARG F 124 -5.93 41.73 13.36
CA ARG F 124 -6.72 42.95 13.42
C ARG F 124 -6.67 43.63 14.80
N ASP F 125 -6.58 42.82 15.85
CA ASP F 125 -6.54 43.35 17.21
C ASP F 125 -5.18 43.94 17.60
N ARG F 126 -4.69 44.88 16.80
CA ARG F 126 -3.41 45.53 17.05
C ARG F 126 -3.54 47.06 16.85
N GLN F 127 -4.04 47.47 15.69
CA GLN F 127 -4.23 48.88 15.32
C GLN F 127 -3.18 49.87 15.85
#